data_7VN2
#
_entry.id   7VN2
#
_cell.length_a   112.596
_cell.length_b   94.206
_cell.length_c   102.340
_cell.angle_alpha   90.000
_cell.angle_beta   100.590
_cell.angle_gamma   90.000
#
_symmetry.space_group_name_H-M   'C 1 2 1'
#
loop_
_entity.id
_entity.type
_entity.pdbx_description
1 polymer 'Maltodextrin-binding protein,Protein BRASSINAZOLE-RESISTANT 1'
2 polymer "DNA (5'-D(*TP*TP*AP*TP*CP*AP*CP*GP*TP*GP*AP*TP*AP*AP*A)-3')"
3 branched alpha-D-glucopyranose-(1-4)-alpha-D-glucopyranose
4 non-polymer 1,2-ETHANEDIOL
5 water water
#
loop_
_entity_poly.entity_id
_entity_poly.type
_entity_poly.pdbx_seq_one_letter_code
_entity_poly.pdbx_strand_id
1 'polypeptide(L)'
;MKIEEGKLVIWINGDKGYNGLAEVGKKFEKDTGIKVTVEHPDKLEEKFPQVAATGDGPDIIFWAHDRFGGYAQSGLLAEI
TPAAAFQDKLYPFTWDAVRYNGKLIAYPIAVEALSLIYNKDLLPNPPKTWEEIPALDKELKAKGKSALMFNLQEPYFTWP
LIAADGGYAFKYAAGKYDIKDVGVDNAGAKAGLTFLVDLIKNKHMNADTDYSIAEAAFNKGETAMTINGPWAWSNIDTSA
VNYGVTVLPTFKGQPSKPFVGVLSAGINAASPNKELAKEFLENYLLTDEGLEAVNKDKPLGAVALKSYEEELAKDPRIAA
TMENAQKGEIMPNIPQMSAFWYAVRTAVINAASGRQTVDAALAAAQTNAARRKPSWRERENNRRRERRRRAVAAKIYTGL
RAQGDYNLPKHCDNNEVLKALCVEAGWVVEEDGTTYRKG
;
C,A
2 'polydeoxyribonucleotide' (DT)(DT)(DA)(DT)(DC)(DA)(DC)(DG)(DT)(DG)(DA)(DT)(DA)(DA)(DA) G,E
#
loop_
_chem_comp.id
_chem_comp.type
_chem_comp.name
_chem_comp.formula
DA DNA linking 2'-DEOXYADENOSINE-5'-MONOPHOSPHATE 'C10 H14 N5 O6 P'
DC DNA linking 2'-DEOXYCYTIDINE-5'-MONOPHOSPHATE 'C9 H14 N3 O7 P'
DG DNA linking 2'-DEOXYGUANOSINE-5'-MONOPHOSPHATE 'C10 H14 N5 O7 P'
DT DNA linking THYMIDINE-5'-MONOPHOSPHATE 'C10 H15 N2 O8 P'
EDO non-polymer 1,2-ETHANEDIOL 'C2 H6 O2'
GLC D-saccharide, alpha linking alpha-D-glucopyranose 'C6 H12 O6'
#
# COMPACT_ATOMS: atom_id res chain seq x y z
N MET A 1 -9.66 -3.16 40.27
CA MET A 1 -10.48 -2.68 41.37
C MET A 1 -11.63 -3.57 41.77
N LYS A 2 -11.85 -3.56 43.07
CA LYS A 2 -13.05 -4.12 43.64
C LYS A 2 -13.81 -3.00 44.33
N ILE A 3 -15.11 -3.06 44.12
CA ILE A 3 -16.09 -2.18 44.67
C ILE A 3 -16.35 -2.53 46.12
N GLU A 4 -16.65 -1.52 46.91
CA GLU A 4 -16.90 -1.68 48.31
C GLU A 4 -18.20 -1.08 48.71
N GLU A 5 -18.80 -1.65 49.71
CA GLU A 5 -20.03 -1.18 50.22
C GLU A 5 -19.85 0.24 50.71
N GLY A 6 -20.80 1.09 50.38
CA GLY A 6 -20.78 2.48 50.76
C GLY A 6 -20.17 3.49 49.83
N LYS A 7 -19.55 3.08 48.74
CA LYS A 7 -19.02 4.03 47.78
C LYS A 7 -19.48 3.64 46.41
N LEU A 8 -19.49 4.58 45.48
CA LEU A 8 -19.92 4.30 44.11
C LEU A 8 -18.79 4.65 43.17
N VAL A 9 -18.43 3.71 42.30
CA VAL A 9 -17.44 3.94 41.25
C VAL A 9 -18.14 3.75 39.92
N ILE A 10 -17.98 4.70 39.02
CA ILE A 10 -18.64 4.71 37.72
C ILE A 10 -17.60 4.72 36.61
N TRP A 11 -17.86 3.96 35.56
CA TRP A 11 -17.09 3.99 34.33
C TRP A 11 -17.94 4.60 33.23
N ILE A 12 -17.38 5.57 32.52
CA ILE A 12 -18.03 6.21 31.38
C ILE A 12 -16.95 6.55 30.37
N ASN A 13 -17.31 6.52 29.09
CA ASN A 13 -16.33 6.74 28.03
C ASN A 13 -15.75 8.15 28.12
N GLY A 14 -14.48 8.26 27.73
CA GLY A 14 -13.75 9.53 27.83
C GLY A 14 -14.26 10.63 26.92
N ASP A 15 -15.10 10.30 25.94
CA ASP A 15 -15.68 11.31 25.08
C ASP A 15 -17.03 11.82 25.60
N LYS A 16 -17.47 11.37 26.78
CA LYS A 16 -18.73 11.78 27.35
C LYS A 16 -18.49 12.77 28.48
N GLY A 17 -19.58 13.39 28.94
CA GLY A 17 -19.46 14.40 29.98
C GLY A 17 -19.18 13.84 31.36
N TYR A 18 -17.98 13.29 31.57
CA TYR A 18 -17.66 12.69 32.86
C TYR A 18 -17.50 13.74 33.95
N ASN A 19 -17.06 14.94 33.59
CA ASN A 19 -16.97 16.00 34.60
C ASN A 19 -18.34 16.43 35.08
N GLY A 20 -19.32 16.49 34.16
CA GLY A 20 -20.68 16.80 34.57
C GLY A 20 -21.29 15.69 35.39
N LEU A 21 -21.02 14.44 35.02
CA LEU A 21 -21.50 13.31 35.82
C LEU A 21 -20.85 13.30 37.20
N ALA A 22 -19.62 13.80 37.31
CA ALA A 22 -18.99 13.92 38.64
C ALA A 22 -19.68 14.96 39.49
N GLU A 23 -20.22 16.02 38.88
CA GLU A 23 -21.00 17.00 39.63
C GLU A 23 -22.24 16.34 40.22
N VAL A 24 -22.91 15.49 39.44
CA VAL A 24 -24.07 14.77 39.96
C VAL A 24 -23.66 13.85 41.11
N GLY A 25 -22.51 13.21 40.99
CA GLY A 25 -22.01 12.38 42.07
C GLY A 25 -21.68 13.18 43.32
N LYS A 26 -21.23 14.42 43.15
CA LYS A 26 -20.91 15.26 44.30
C LYS A 26 -22.18 15.69 45.03
N LYS A 27 -23.25 15.97 44.28
CA LYS A 27 -24.52 16.27 44.93
C LYS A 27 -25.09 15.05 45.64
N PHE A 28 -25.00 13.88 45.00
CA PHE A 28 -25.37 12.64 45.67
C PHE A 28 -24.64 12.52 47.01
N GLU A 29 -23.31 12.62 46.99
CA GLU A 29 -22.52 12.56 48.22
C GLU A 29 -22.96 13.60 49.23
N LYS A 30 -23.39 14.78 48.78
CA LYS A 30 -23.82 15.81 49.71
C LYS A 30 -25.09 15.40 50.46
N ASP A 31 -25.97 14.64 49.81
CA ASP A 31 -27.26 14.30 50.40
C ASP A 31 -27.31 12.91 51.03
N THR A 32 -26.34 12.05 50.73
CA THR A 32 -26.30 10.72 51.34
C THR A 32 -24.98 10.37 52.00
N GLY A 33 -23.90 11.10 51.73
CA GLY A 33 -22.60 10.76 52.26
C GLY A 33 -21.86 9.71 51.47
N ILE A 34 -22.44 9.19 50.39
CA ILE A 34 -21.82 8.16 49.57
C ILE A 34 -20.91 8.85 48.55
N LYS A 35 -19.61 8.65 48.67
CA LYS A 35 -18.69 9.19 47.68
C LYS A 35 -18.91 8.51 46.34
N VAL A 36 -18.78 9.29 45.26
CA VAL A 36 -19.01 8.81 43.90
C VAL A 36 -17.82 9.22 43.05
N THR A 37 -17.08 8.24 42.54
CA THR A 37 -15.92 8.48 41.69
C THR A 37 -16.28 8.12 40.26
N VAL A 38 -16.16 9.09 39.36
CA VAL A 38 -16.36 8.88 37.93
C VAL A 38 -14.98 8.70 37.30
N GLU A 39 -14.80 7.59 36.59
CA GLU A 39 -13.56 7.29 35.90
C GLU A 39 -13.88 7.00 34.43
N HIS A 40 -12.92 7.32 33.55
CA HIS A 40 -13.06 7.08 32.12
C HIS A 40 -11.85 6.30 31.60
N PRO A 41 -11.71 5.04 32.00
CA PRO A 41 -10.55 4.25 31.55
C PRO A 41 -10.67 3.87 30.09
N ASP A 42 -9.50 3.75 29.44
CA ASP A 42 -9.46 3.38 28.03
C ASP A 42 -9.99 1.97 27.82
N LYS A 43 -10.76 1.79 26.76
CA LYS A 43 -11.31 0.48 26.39
C LYS A 43 -12.13 -0.13 27.53
N LEU A 44 -12.94 0.70 28.19
CA LEU A 44 -13.71 0.21 29.33
C LEU A 44 -14.69 -0.88 28.90
N GLU A 45 -15.27 -0.74 27.71
CA GLU A 45 -16.22 -1.73 27.21
C GLU A 45 -15.57 -3.09 27.00
N GLU A 46 -14.24 -3.14 26.91
CA GLU A 46 -13.50 -4.39 26.82
C GLU A 46 -13.01 -4.86 28.18
N LYS A 47 -12.61 -3.92 29.05
CA LYS A 47 -12.12 -4.33 30.36
C LYS A 47 -13.24 -4.84 31.26
N PHE A 48 -14.43 -4.28 31.13
CA PHE A 48 -15.53 -4.67 32.02
C PHE A 48 -15.86 -6.16 31.95
N PRO A 49 -16.03 -6.79 30.77
CA PRO A 49 -16.28 -8.24 30.77
C PRO A 49 -15.12 -9.05 31.29
N GLN A 50 -13.91 -8.51 31.31
CA GLN A 50 -12.77 -9.25 31.86
C GLN A 50 -12.77 -9.19 33.38
N VAL A 51 -12.92 -7.99 33.95
CA VAL A 51 -12.77 -7.85 35.38
C VAL A 51 -14.05 -8.24 36.12
N ALA A 52 -15.22 -8.07 35.50
CA ALA A 52 -16.47 -8.34 36.20
C ALA A 52 -16.75 -9.82 36.37
N ALA A 53 -16.06 -10.68 35.62
CA ALA A 53 -16.29 -12.12 35.74
C ALA A 53 -15.82 -12.67 37.08
N THR A 54 -14.98 -11.94 37.82
CA THR A 54 -14.50 -12.39 39.12
C THR A 54 -14.89 -11.44 40.25
N GLY A 55 -15.87 -10.57 40.03
CA GLY A 55 -16.31 -9.64 41.06
C GLY A 55 -15.63 -8.29 41.05
N ASP A 56 -14.64 -8.09 40.20
CA ASP A 56 -13.98 -6.80 40.09
C ASP A 56 -14.83 -5.89 39.20
N GLY A 57 -14.32 -4.71 38.88
CA GLY A 57 -15.03 -3.76 38.04
C GLY A 57 -15.73 -2.70 38.86
N PRO A 58 -16.38 -1.76 38.16
CA PRO A 58 -17.04 -0.65 38.84
C PRO A 58 -18.45 -1.00 39.29
N ASP A 59 -19.05 -0.08 40.03
CA ASP A 59 -20.46 -0.24 40.42
C ASP A 59 -21.36 -0.06 39.20
N ILE A 60 -21.15 1.01 38.44
CA ILE A 60 -21.95 1.34 37.28
C ILE A 60 -21.04 1.47 36.07
N ILE A 61 -21.52 1.02 34.92
CA ILE A 61 -20.80 1.14 33.65
C ILE A 61 -21.70 1.83 32.63
N PHE A 62 -21.14 2.82 31.93
CA PHE A 62 -21.85 3.58 30.92
C PHE A 62 -21.34 3.16 29.54
N TRP A 63 -22.26 2.74 28.67
CA TRP A 63 -21.92 2.44 27.30
C TRP A 63 -23.20 2.40 26.48
N ALA A 64 -23.04 2.47 25.16
CA ALA A 64 -24.17 2.26 24.27
C ALA A 64 -24.76 0.87 24.51
N HIS A 65 -26.06 0.73 24.24
CA HIS A 65 -26.78 -0.48 24.62
C HIS A 65 -26.30 -1.73 23.89
N ASP A 66 -25.56 -1.59 22.78
CA ASP A 66 -25.24 -2.76 21.97
C ASP A 66 -24.33 -3.75 22.70
N ARG A 67 -23.58 -3.29 23.70
CA ARG A 67 -22.68 -4.17 24.45
C ARG A 67 -23.35 -4.91 25.59
N PHE A 68 -24.52 -4.46 26.07
CA PHE A 68 -25.03 -4.93 27.35
C PHE A 68 -25.60 -6.34 27.29
N GLY A 69 -26.14 -6.75 26.14
CA GLY A 69 -26.66 -8.11 26.05
C GLY A 69 -25.57 -9.16 26.23
N GLY A 70 -24.38 -8.91 25.68
CA GLY A 70 -23.26 -9.79 25.94
C GLY A 70 -22.88 -9.82 27.40
N TYR A 71 -22.98 -8.67 28.08
CA TYR A 71 -22.75 -8.64 29.52
C TYR A 71 -23.80 -9.45 30.26
N ALA A 72 -25.06 -9.34 29.83
CA ALA A 72 -26.14 -10.07 30.48
C ALA A 72 -26.00 -11.57 30.28
N GLN A 73 -25.62 -12.01 29.08
CA GLN A 73 -25.44 -13.43 28.83
C GLN A 73 -24.36 -14.01 29.72
N SER A 74 -23.33 -13.22 30.03
CA SER A 74 -22.26 -13.65 30.93
C SER A 74 -22.61 -13.47 32.40
N GLY A 75 -23.78 -12.92 32.71
CA GLY A 75 -24.19 -12.76 34.10
C GLY A 75 -23.46 -11.66 34.85
N LEU A 76 -23.12 -10.57 34.16
CA LEU A 76 -22.35 -9.48 34.75
C LEU A 76 -23.20 -8.31 35.23
N LEU A 77 -24.47 -8.26 34.85
CA LEU A 77 -25.34 -7.12 35.15
C LEU A 77 -26.45 -7.53 36.10
N ALA A 78 -26.76 -6.65 37.04
CA ALA A 78 -27.93 -6.83 37.89
C ALA A 78 -29.18 -6.45 37.13
N GLU A 79 -30.25 -7.23 37.31
CA GLU A 79 -31.51 -6.94 36.64
C GLU A 79 -32.05 -5.59 37.13
N ILE A 80 -32.48 -4.77 36.17
CA ILE A 80 -33.02 -3.45 36.48
C ILE A 80 -34.52 -3.59 36.69
N THR A 81 -34.99 -3.21 37.87
CA THR A 81 -36.39 -3.38 38.26
C THR A 81 -36.97 -2.06 38.76
N PRO A 82 -37.05 -1.04 37.91
CA PRO A 82 -37.63 0.23 38.35
C PRO A 82 -39.14 0.13 38.45
N ALA A 83 -39.70 0.97 39.32
CA ALA A 83 -41.14 1.04 39.47
C ALA A 83 -41.78 1.41 38.14
N ALA A 84 -43.04 0.99 37.97
CA ALA A 84 -43.76 1.34 36.76
C ALA A 84 -43.81 2.84 36.55
N ALA A 85 -43.98 3.60 37.64
CA ALA A 85 -44.02 5.05 37.54
C ALA A 85 -42.73 5.62 36.98
N PHE A 86 -41.59 5.02 37.32
CA PHE A 86 -40.33 5.53 36.79
C PHE A 86 -40.11 5.14 35.34
N GLN A 87 -40.50 3.90 34.96
CA GLN A 87 -40.40 3.50 33.57
C GLN A 87 -41.15 4.47 32.66
N ASP A 88 -42.26 5.03 33.15
CA ASP A 88 -43.06 5.95 32.36
C ASP A 88 -42.38 7.30 32.12
N LYS A 89 -41.34 7.62 32.89
CA LYS A 89 -40.62 8.87 32.67
C LYS A 89 -39.73 8.81 31.43
N LEU A 90 -39.49 7.62 30.89
CA LEU A 90 -38.58 7.42 29.77
C LEU A 90 -39.37 6.91 28.57
N TYR A 91 -38.87 7.22 27.37
CA TYR A 91 -39.54 6.78 26.15
C TYR A 91 -39.50 5.26 26.07
N PRO A 92 -40.62 4.60 25.74
CA PRO A 92 -40.62 3.12 25.64
C PRO A 92 -39.49 2.56 24.79
N PHE A 93 -39.21 3.16 23.63
CA PHE A 93 -38.21 2.57 22.74
C PHE A 93 -36.82 2.60 23.35
N THR A 94 -36.54 3.56 24.24
CA THR A 94 -35.26 3.52 24.94
C THR A 94 -35.20 2.35 25.91
N TRP A 95 -36.34 2.00 26.52
CA TRP A 95 -36.40 0.80 27.35
C TRP A 95 -36.22 -0.46 26.50
N ASP A 96 -36.77 -0.47 25.29
CA ASP A 96 -36.61 -1.64 24.43
C ASP A 96 -35.15 -1.91 24.12
N ALA A 97 -34.36 -0.84 23.93
CA ALA A 97 -32.94 -0.99 23.65
C ALA A 97 -32.19 -1.67 24.79
N VAL A 98 -32.72 -1.67 26.01
CA VAL A 98 -32.04 -2.29 27.13
C VAL A 98 -32.83 -3.51 27.64
N ARG A 99 -33.71 -4.07 26.83
CA ARG A 99 -34.43 -5.29 27.18
C ARG A 99 -33.74 -6.47 26.50
N TYR A 100 -33.30 -7.43 27.31
CA TYR A 100 -32.62 -8.63 26.82
C TYR A 100 -33.26 -9.85 27.47
N ASN A 101 -33.77 -10.76 26.64
CA ASN A 101 -34.46 -11.96 27.11
C ASN A 101 -35.56 -11.61 28.11
N GLY A 102 -36.34 -10.58 27.77
CA GLY A 102 -37.47 -10.17 28.57
C GLY A 102 -37.15 -9.31 29.77
N LYS A 103 -35.88 -9.09 30.08
CA LYS A 103 -35.50 -8.37 31.30
C LYS A 103 -34.80 -7.06 30.94
N LEU A 104 -35.03 -6.05 31.76
CA LEU A 104 -34.31 -4.79 31.64
C LEU A 104 -32.95 -4.93 32.29
N ILE A 105 -31.90 -4.64 31.54
CA ILE A 105 -30.52 -4.88 31.98
C ILE A 105 -29.74 -3.59 32.20
N ALA A 106 -30.34 -2.43 31.94
CA ALA A 106 -29.65 -1.17 32.16
C ALA A 106 -30.68 -0.05 32.14
N TYR A 107 -30.26 1.12 32.65
CA TYR A 107 -31.05 2.34 32.53
C TYR A 107 -30.65 3.09 31.27
N PRO A 108 -31.60 3.43 30.39
CA PRO A 108 -31.25 4.23 29.21
C PRO A 108 -31.11 5.70 29.57
N ILE A 109 -30.16 6.37 28.92
CA ILE A 109 -29.85 7.75 29.23
C ILE A 109 -30.13 8.65 28.03
N ALA A 110 -29.51 8.37 26.89
CA ALA A 110 -29.58 9.26 25.76
C ALA A 110 -29.50 8.47 24.46
N VAL A 111 -30.14 9.00 23.42
CA VAL A 111 -30.13 8.42 22.08
C VAL A 111 -29.09 9.17 21.25
N GLU A 112 -28.17 8.42 20.66
CA GLU A 112 -27.05 9.01 19.91
C GLU A 112 -27.09 8.54 18.46
N ALA A 113 -26.91 9.48 17.55
CA ALA A 113 -26.77 9.17 16.13
C ALA A 113 -25.75 10.11 15.51
N LEU A 114 -24.96 9.59 14.59
CA LEU A 114 -24.03 10.41 13.84
C LEU A 114 -24.79 11.32 12.88
N SER A 115 -24.23 12.52 12.68
CA SER A 115 -24.75 13.46 11.71
C SER A 115 -23.58 14.03 10.92
N LEU A 116 -23.90 14.87 9.95
CA LEU A 116 -22.89 15.59 9.18
C LEU A 116 -22.65 16.94 9.85
N ILE A 117 -21.39 17.21 10.19
CA ILE A 117 -20.97 18.48 10.77
C ILE A 117 -20.12 19.20 9.74
N TYR A 118 -20.41 20.47 9.50
CA TYR A 118 -19.73 21.22 8.45
C TYR A 118 -19.43 22.64 8.92
N ASN A 119 -18.38 23.21 8.33
CA ASN A 119 -17.97 24.59 8.61
C ASN A 119 -18.80 25.51 7.72
N LYS A 120 -19.66 26.32 8.34
CA LYS A 120 -20.52 27.21 7.56
C LYS A 120 -19.71 28.26 6.81
N ASP A 121 -18.61 28.74 7.40
CA ASP A 121 -17.82 29.78 6.75
C ASP A 121 -17.11 29.24 5.51
N LEU A 122 -16.47 28.07 5.64
CA LEU A 122 -15.79 27.47 4.50
C LEU A 122 -16.76 26.84 3.50
N LEU A 123 -17.93 26.41 3.97
CA LEU A 123 -18.87 25.66 3.14
C LEU A 123 -20.29 26.01 3.57
N PRO A 124 -20.81 27.15 3.08
CA PRO A 124 -22.17 27.55 3.48
C PRO A 124 -23.24 26.57 3.01
N ASN A 125 -23.04 25.94 1.85
CA ASN A 125 -24.00 25.00 1.29
C ASN A 125 -23.39 23.59 1.37
N PRO A 126 -23.66 22.84 2.42
CA PRO A 126 -23.08 21.50 2.52
C PRO A 126 -23.64 20.59 1.46
N PRO A 127 -22.89 19.57 1.03
CA PRO A 127 -23.37 18.67 -0.01
C PRO A 127 -24.45 17.74 0.51
N LYS A 128 -25.22 17.19 -0.43
CA LYS A 128 -26.31 16.27 -0.13
C LYS A 128 -26.00 14.82 -0.48
N THR A 129 -24.99 14.57 -1.31
CA THR A 129 -24.64 13.22 -1.72
C THR A 129 -23.17 12.96 -1.41
N TRP A 130 -22.84 11.68 -1.25
CA TRP A 130 -21.44 11.30 -1.10
C TRP A 130 -20.68 11.49 -2.41
N GLU A 131 -21.37 11.33 -3.54
CA GLU A 131 -20.69 11.29 -4.84
C GLU A 131 -20.05 12.61 -5.20
N GLU A 132 -20.58 13.73 -4.69
CA GLU A 132 -20.05 15.05 -5.01
C GLU A 132 -18.98 15.51 -4.02
N ILE A 133 -18.50 14.62 -3.17
CA ILE A 133 -17.43 14.95 -2.22
C ILE A 133 -16.08 14.99 -2.91
N PRO A 134 -15.71 14.01 -3.76
CA PRO A 134 -14.41 14.11 -4.43
C PRO A 134 -14.20 15.41 -5.20
N ALA A 135 -15.22 15.89 -5.91
CA ALA A 135 -15.08 17.17 -6.60
C ALA A 135 -14.97 18.33 -5.60
N LEU A 136 -15.75 18.27 -4.52
CA LEU A 136 -15.68 19.32 -3.51
C LEU A 136 -14.29 19.39 -2.89
N ASP A 137 -13.64 18.24 -2.70
CA ASP A 137 -12.29 18.24 -2.15
C ASP A 137 -11.31 18.93 -3.09
N LYS A 138 -11.47 18.74 -4.40
CA LYS A 138 -10.58 19.39 -5.36
C LYS A 138 -10.62 20.90 -5.22
N GLU A 139 -11.81 21.46 -4.98
CA GLU A 139 -11.94 22.90 -4.78
C GLU A 139 -11.24 23.33 -3.50
N LEU A 140 -11.47 22.62 -2.40
CA LEU A 140 -10.90 23.03 -1.12
C LEU A 140 -9.38 22.80 -1.06
N LYS A 141 -8.87 21.81 -1.78
CA LYS A 141 -7.43 21.57 -1.77
C LYS A 141 -6.67 22.74 -2.37
N ALA A 142 -7.24 23.39 -3.39
CA ALA A 142 -6.61 24.57 -3.97
C ALA A 142 -6.57 25.74 -3.01
N LYS A 143 -7.42 25.74 -1.99
CA LYS A 143 -7.41 26.77 -0.96
C LYS A 143 -6.55 26.39 0.23
N GLY A 144 -6.00 25.18 0.25
CA GLY A 144 -5.27 24.71 1.41
C GLY A 144 -6.13 23.99 2.44
N LYS A 145 -7.30 23.52 2.06
CA LYS A 145 -8.22 22.85 2.97
C LYS A 145 -8.58 21.48 2.41
N SER A 146 -9.33 20.71 3.19
CA SER A 146 -9.81 19.42 2.78
C SER A 146 -11.33 19.37 2.93
N ALA A 147 -11.95 18.42 2.24
CA ALA A 147 -13.42 18.36 2.23
C ALA A 147 -13.94 17.72 3.52
N LEU A 148 -13.54 16.47 3.78
CA LEU A 148 -14.15 15.69 4.85
C LEU A 148 -13.09 14.83 5.52
N MET A 149 -13.09 14.86 6.85
CA MET A 149 -12.25 13.98 7.65
C MET A 149 -13.07 13.42 8.80
N PHE A 150 -13.05 12.10 8.97
CA PHE A 150 -13.72 11.48 10.09
C PHE A 150 -12.98 10.22 10.50
N ASN A 151 -13.40 9.65 11.62
CA ASN A 151 -12.69 8.52 12.23
C ASN A 151 -12.83 7.29 11.34
N LEU A 152 -11.71 6.84 10.78
CA LEU A 152 -11.68 5.63 9.96
C LEU A 152 -11.22 4.41 10.74
N GLN A 153 -10.85 4.57 12.01
CA GLN A 153 -10.38 3.45 12.82
C GLN A 153 -11.51 2.71 13.50
N GLU A 154 -12.67 3.33 13.67
CA GLU A 154 -13.81 2.69 14.32
C GLU A 154 -14.94 2.54 13.32
N PRO A 155 -15.41 1.32 13.06
CA PRO A 155 -16.41 1.12 12.00
C PRO A 155 -17.75 1.78 12.27
N TYR A 156 -17.96 2.29 13.49
CA TYR A 156 -19.16 3.06 13.80
C TYR A 156 -19.32 4.24 12.84
N PHE A 157 -18.22 4.93 12.55
CA PHE A 157 -18.27 6.13 11.73
C PHE A 157 -18.39 5.83 10.25
N THR A 158 -17.99 4.64 9.82
CA THR A 158 -18.05 4.23 8.43
C THR A 158 -19.31 3.46 8.09
N TRP A 159 -19.90 2.80 9.09
CA TRP A 159 -21.10 2.00 8.86
C TRP A 159 -22.26 2.72 8.18
N PRO A 160 -22.51 4.02 8.43
CA PRO A 160 -23.61 4.66 7.68
C PRO A 160 -23.44 4.59 6.17
N LEU A 161 -22.20 4.69 5.67
CA LEU A 161 -21.98 4.59 4.24
C LEU A 161 -22.08 3.15 3.77
N ILE A 162 -21.62 2.20 4.59
CA ILE A 162 -21.72 0.79 4.23
C ILE A 162 -23.19 0.37 4.17
N ALA A 163 -24.00 0.85 5.11
CA ALA A 163 -25.38 0.43 5.22
C ALA A 163 -26.32 1.12 4.23
N ALA A 164 -25.86 2.16 3.55
CA ALA A 164 -26.75 2.96 2.72
C ALA A 164 -27.33 2.14 1.56
N ASP A 165 -26.48 1.47 0.80
CA ASP A 165 -26.92 0.76 -0.40
C ASP A 165 -27.43 -0.65 -0.11
N GLY A 166 -27.59 -1.03 1.15
CA GLY A 166 -28.19 -2.32 1.44
C GLY A 166 -27.38 -3.19 2.39
N GLY A 167 -26.24 -2.76 2.84
CA GLY A 167 -25.45 -3.51 3.77
C GLY A 167 -26.07 -3.52 5.14
N TYR A 168 -26.10 -4.65 5.78
CA TYR A 168 -26.71 -4.74 7.08
C TYR A 168 -25.91 -5.63 8.01
N ALA A 169 -26.15 -5.55 9.31
CA ALA A 169 -25.39 -6.40 10.19
C ALA A 169 -26.01 -7.78 10.41
N PHE A 170 -27.09 -7.87 11.14
CA PHE A 170 -27.76 -9.13 11.34
C PHE A 170 -29.18 -8.98 10.88
N LYS A 171 -29.68 -9.91 10.10
CA LYS A 171 -31.04 -9.79 9.63
C LYS A 171 -32.06 -10.03 10.73
N TYR A 172 -33.14 -9.26 10.71
CA TYR A 172 -34.19 -9.35 11.66
C TYR A 172 -35.38 -9.94 11.00
N ALA A 173 -35.77 -11.10 11.45
CA ALA A 173 -36.90 -11.77 10.89
C ALA A 173 -37.77 -12.37 11.92
N ALA A 174 -39.07 -12.19 11.74
CA ALA A 174 -40.06 -12.78 12.60
C ALA A 174 -39.83 -12.54 14.05
N GLY A 175 -39.55 -11.32 14.42
CA GLY A 175 -39.36 -11.05 15.81
C GLY A 175 -38.02 -11.28 16.43
N LYS A 176 -37.00 -11.61 15.65
CA LYS A 176 -35.67 -11.82 16.17
C LYS A 176 -34.56 -11.64 15.18
N TYR A 177 -33.35 -11.48 15.67
CA TYR A 177 -32.22 -11.34 14.81
C TYR A 177 -31.67 -12.70 14.54
N ASP A 178 -31.30 -12.95 13.30
CA ASP A 178 -30.73 -14.20 12.90
C ASP A 178 -29.25 -13.98 12.92
N ILE A 179 -28.54 -14.69 13.75
CA ILE A 179 -27.13 -14.45 13.88
C ILE A 179 -26.26 -15.14 12.89
N LYS A 180 -26.85 -15.95 12.05
CA LYS A 180 -26.12 -16.60 11.02
C LYS A 180 -26.26 -15.88 9.72
N ASP A 181 -27.18 -14.91 9.65
CA ASP A 181 -27.42 -14.12 8.46
C ASP A 181 -26.80 -12.73 8.56
N VAL A 182 -25.53 -12.63 8.19
CA VAL A 182 -24.79 -11.39 8.27
C VAL A 182 -24.70 -10.78 6.87
N GLY A 183 -25.01 -9.49 6.77
CA GLY A 183 -25.04 -8.84 5.48
C GLY A 183 -23.96 -7.80 5.24
N VAL A 184 -22.75 -8.03 5.78
CA VAL A 184 -21.64 -7.13 5.51
C VAL A 184 -20.89 -7.47 4.23
N ASP A 185 -21.34 -8.49 3.49
CA ASP A 185 -20.65 -8.95 2.29
C ASP A 185 -21.55 -8.89 1.05
N ASN A 186 -22.61 -8.09 1.08
CA ASN A 186 -23.50 -8.01 -0.06
C ASN A 186 -23.07 -6.85 -0.99
N ALA A 187 -23.83 -6.68 -2.07
CA ALA A 187 -23.54 -5.63 -3.04
C ALA A 187 -23.64 -4.26 -2.40
N GLY A 188 -24.61 -4.07 -1.51
CA GLY A 188 -24.75 -2.79 -0.85
C GLY A 188 -23.57 -2.47 0.05
N ALA A 189 -23.03 -3.49 0.73
CA ALA A 189 -21.88 -3.26 1.60
C ALA A 189 -20.62 -3.01 0.77
N LYS A 190 -20.42 -3.78 -0.29
CA LYS A 190 -19.23 -3.62 -1.13
C LYS A 190 -19.22 -2.26 -1.81
N ALA A 191 -20.39 -1.78 -2.23
CA ALA A 191 -20.44 -0.49 -2.92
C ALA A 191 -20.06 0.66 -1.99
N GLY A 192 -20.55 0.63 -0.74
CA GLY A 192 -20.23 1.70 0.19
C GLY A 192 -18.76 1.74 0.55
N LEU A 193 -18.17 0.58 0.83
CA LEU A 193 -16.76 0.53 1.23
C LEU A 193 -15.83 0.84 0.06
N THR A 194 -16.22 0.42 -1.15
CA THR A 194 -15.41 0.75 -2.32
C THR A 194 -15.34 2.26 -2.54
N PHE A 195 -16.45 2.97 -2.30
CA PHE A 195 -16.43 4.42 -2.39
C PHE A 195 -15.50 5.00 -1.34
N LEU A 196 -15.52 4.43 -0.13
CA LEU A 196 -14.59 4.88 0.90
C LEU A 196 -13.15 4.67 0.46
N VAL A 197 -12.80 3.46 0.03
CA VAL A 197 -11.45 3.19 -0.44
C VAL A 197 -11.10 4.10 -1.61
N ASP A 198 -12.06 4.30 -2.52
CA ASP A 198 -11.80 5.19 -3.66
C ASP A 198 -11.48 6.60 -3.21
N LEU A 199 -12.08 7.06 -2.10
CA LEU A 199 -11.75 8.37 -1.56
C LEU A 199 -10.30 8.42 -1.10
N ILE A 200 -9.77 7.32 -0.57
CA ILE A 200 -8.40 7.28 -0.11
C ILE A 200 -7.43 7.16 -1.29
N LYS A 201 -7.75 6.30 -2.26
CA LYS A 201 -6.88 6.13 -3.42
C LYS A 201 -6.73 7.42 -4.21
N ASN A 202 -7.79 8.21 -4.30
CA ASN A 202 -7.76 9.49 -4.97
C ASN A 202 -7.33 10.63 -4.05
N LYS A 203 -6.70 10.31 -2.92
CA LYS A 203 -6.06 11.27 -2.02
C LYS A 203 -7.05 12.26 -1.41
N HIS A 204 -8.33 11.90 -1.34
CA HIS A 204 -9.30 12.75 -0.67
C HIS A 204 -9.41 12.44 0.82
N MET A 205 -8.88 11.30 1.26
CA MET A 205 -8.94 10.95 2.68
C MET A 205 -7.72 10.12 3.03
N ASN A 206 -7.36 10.14 4.30
CA ASN A 206 -6.20 9.42 4.82
C ASN A 206 -6.66 8.17 5.56
N ALA A 207 -6.05 7.03 5.24
CA ALA A 207 -6.42 5.78 5.89
C ALA A 207 -6.16 5.82 7.39
N ASP A 208 -5.22 6.65 7.83
CA ASP A 208 -4.83 6.62 9.24
C ASP A 208 -5.58 7.62 10.08
N THR A 209 -6.47 8.37 9.50
CA THR A 209 -7.21 9.34 10.22
C THR A 209 -7.99 8.68 11.33
N ASP A 210 -7.90 9.23 12.50
CA ASP A 210 -8.56 8.71 13.64
C ASP A 210 -9.38 9.77 14.30
N TYR A 211 -9.96 9.48 15.42
CA TYR A 211 -10.77 10.43 16.07
C TYR A 211 -10.14 11.78 16.37
N SER A 212 -9.06 11.77 17.07
CA SER A 212 -8.42 13.03 17.46
C SER A 212 -7.90 13.78 16.25
N ILE A 213 -7.40 13.07 15.24
CA ILE A 213 -6.90 13.75 14.05
C ILE A 213 -8.05 14.45 13.33
N ALA A 214 -9.20 13.78 13.17
CA ALA A 214 -10.33 14.40 12.50
C ALA A 214 -10.94 15.52 13.34
N GLU A 215 -11.02 15.33 14.67
CA GLU A 215 -11.57 16.37 15.52
C GLU A 215 -10.75 17.64 15.47
N ALA A 216 -9.42 17.51 15.50
CA ALA A 216 -8.56 18.69 15.49
C ALA A 216 -8.62 19.42 14.15
N ALA A 217 -8.63 18.68 13.04
CA ALA A 217 -8.64 19.32 11.73
C ALA A 217 -9.91 20.13 11.52
N PHE A 218 -11.05 19.61 11.99
CA PHE A 218 -12.30 20.36 11.87
C PHE A 218 -12.33 21.52 12.85
N ASN A 219 -11.90 21.31 14.09
CA ASN A 219 -11.98 22.36 15.08
C ASN A 219 -10.95 23.45 14.84
N LYS A 220 -9.93 23.19 14.03
CA LYS A 220 -8.96 24.19 13.63
C LYS A 220 -9.26 24.81 12.26
N GLY A 221 -10.38 24.45 11.66
CA GLY A 221 -10.75 25.02 10.37
C GLY A 221 -9.92 24.55 9.21
N GLU A 222 -9.38 23.33 9.27
CA GLU A 222 -8.59 22.78 8.18
C GLU A 222 -9.40 21.90 7.25
N THR A 223 -10.49 21.32 7.75
CA THR A 223 -11.40 20.54 6.92
C THR A 223 -12.81 21.11 7.05
N ALA A 224 -13.58 20.94 5.98
CA ALA A 224 -14.90 21.56 5.91
C ALA A 224 -16.02 20.68 6.46
N MET A 225 -15.75 19.39 6.68
CA MET A 225 -16.81 18.48 7.10
C MET A 225 -16.24 17.40 7.98
N THR A 226 -17.03 16.98 8.97
CA THR A 226 -16.70 15.81 9.77
C THR A 226 -17.99 15.09 10.12
N ILE A 227 -17.85 13.82 10.51
CA ILE A 227 -18.96 12.97 10.92
C ILE A 227 -18.74 12.62 12.38
N ASN A 228 -19.65 13.03 13.25
CA ASN A 228 -19.50 12.78 14.68
C ASN A 228 -20.86 12.87 15.37
N GLY A 229 -20.86 12.50 16.66
CA GLY A 229 -22.06 12.51 17.45
C GLY A 229 -22.16 13.77 18.30
N PRO A 230 -23.26 13.90 19.04
CA PRO A 230 -23.48 15.13 19.82
C PRO A 230 -22.44 15.40 20.88
N TRP A 231 -21.72 14.37 21.34
CA TRP A 231 -20.71 14.58 22.37
C TRP A 231 -19.62 15.55 21.90
N ALA A 232 -19.38 15.63 20.59
CA ALA A 232 -18.31 16.43 20.03
C ALA A 232 -18.67 17.90 19.86
N TRP A 233 -19.91 18.31 20.15
CA TRP A 233 -20.33 19.67 19.84
C TRP A 233 -19.65 20.69 20.74
N SER A 234 -19.45 20.36 22.03
CA SER A 234 -18.92 21.35 22.96
C SER A 234 -17.48 21.74 22.62
N ASN A 235 -16.70 20.82 22.05
CA ASN A 235 -15.34 21.18 21.63
C ASN A 235 -15.38 22.14 20.45
N ILE A 236 -16.37 22.03 19.58
CA ILE A 236 -16.47 22.97 18.46
C ILE A 236 -17.03 24.30 18.92
N ASP A 237 -17.84 24.31 19.98
CA ASP A 237 -18.36 25.57 20.51
C ASP A 237 -17.23 26.46 21.01
N THR A 238 -16.27 25.89 21.74
CA THR A 238 -15.16 26.68 22.26
C THR A 238 -14.20 27.11 21.17
N SER A 239 -14.14 26.38 20.06
CA SER A 239 -13.33 26.79 18.93
C SER A 239 -13.99 27.94 18.18
N ALA A 240 -13.25 28.51 17.23
CA ALA A 240 -13.73 29.64 16.44
C ALA A 240 -14.55 29.22 15.23
N VAL A 241 -14.86 27.93 15.10
CA VAL A 241 -15.55 27.43 13.92
C VAL A 241 -17.04 27.63 14.08
N ASN A 242 -17.67 28.23 13.06
CA ASN A 242 -19.12 28.36 13.01
C ASN A 242 -19.67 27.17 12.22
N TYR A 243 -20.33 26.26 12.91
CA TYR A 243 -20.66 24.97 12.33
C TYR A 243 -22.17 24.74 12.32
N GLY A 244 -22.58 23.85 11.42
CA GLY A 244 -23.94 23.37 11.39
C GLY A 244 -23.97 21.86 11.42
N VAL A 245 -25.09 21.32 11.90
CA VAL A 245 -25.33 19.88 11.98
C VAL A 245 -26.54 19.57 11.13
N THR A 246 -26.38 18.67 10.16
CA THR A 246 -27.42 18.41 9.18
C THR A 246 -27.44 16.92 8.86
N VAL A 247 -28.26 16.56 7.87
CA VAL A 247 -28.42 15.15 7.50
C VAL A 247 -27.13 14.65 6.84
N LEU A 248 -26.85 13.36 7.03
CA LEU A 248 -25.73 12.74 6.36
C LEU A 248 -25.98 12.70 4.86
N PRO A 249 -24.91 12.73 4.05
CA PRO A 249 -25.11 12.70 2.59
C PRO A 249 -25.63 11.36 2.12
N THR A 250 -26.41 11.40 1.04
CA THR A 250 -26.90 10.18 0.43
C THR A 250 -25.78 9.50 -0.36
N PHE A 251 -25.93 8.18 -0.54
CA PHE A 251 -25.05 7.39 -1.39
C PHE A 251 -25.92 6.56 -2.31
N LYS A 252 -25.69 6.69 -3.62
CA LYS A 252 -26.50 6.03 -4.64
C LYS A 252 -27.97 6.41 -4.49
N GLY A 253 -28.23 7.67 -4.14
CA GLY A 253 -29.57 8.16 -3.96
C GLY A 253 -30.27 7.64 -2.73
N GLN A 254 -29.57 6.92 -1.85
CA GLN A 254 -30.15 6.37 -0.63
C GLN A 254 -29.54 7.03 0.59
N PRO A 255 -30.33 7.29 1.63
CA PRO A 255 -29.78 7.97 2.81
C PRO A 255 -28.78 7.09 3.54
N SER A 256 -27.78 7.74 4.13
CA SER A 256 -26.88 7.03 5.02
C SER A 256 -27.66 6.52 6.23
N LYS A 257 -27.36 5.29 6.63
CA LYS A 257 -28.12 4.60 7.68
C LYS A 257 -27.22 4.38 8.89
N PRO A 258 -27.12 5.34 9.79
CA PRO A 258 -26.26 5.15 10.97
C PRO A 258 -26.88 4.20 11.97
N PHE A 259 -26.02 3.46 12.64
CA PHE A 259 -26.45 2.60 13.74
C PHE A 259 -26.67 3.46 14.98
N VAL A 260 -27.89 3.43 15.50
CA VAL A 260 -28.30 4.31 16.58
C VAL A 260 -27.96 3.66 17.92
N GLY A 261 -27.27 4.40 18.78
CA GLY A 261 -26.89 3.92 20.09
C GLY A 261 -27.70 4.60 21.18
N VAL A 262 -27.98 3.85 22.24
CA VAL A 262 -28.65 4.36 23.42
C VAL A 262 -27.65 4.24 24.55
N LEU A 263 -27.05 5.37 24.93
CA LEU A 263 -26.15 5.39 26.09
C LEU A 263 -26.90 4.90 27.31
N SER A 264 -26.39 3.82 27.91
CA SER A 264 -27.09 3.14 28.98
C SER A 264 -26.14 2.95 30.15
N ALA A 265 -26.73 2.78 31.33
CA ALA A 265 -25.99 2.56 32.57
C ALA A 265 -26.45 1.24 33.17
N GLY A 266 -25.54 0.28 33.25
CA GLY A 266 -25.78 -0.99 33.90
C GLY A 266 -25.11 -1.04 35.26
N ILE A 267 -25.71 -1.81 36.16
CA ILE A 267 -25.18 -2.00 37.50
C ILE A 267 -24.48 -3.35 37.54
N ASN A 268 -23.23 -3.36 38.03
CA ASN A 268 -22.48 -4.59 38.15
C ASN A 268 -23.22 -5.57 39.04
N ALA A 269 -23.32 -6.83 38.58
CA ALA A 269 -23.99 -7.85 39.37
C ALA A 269 -23.26 -8.19 40.65
N ALA A 270 -22.02 -7.73 40.81
CA ALA A 270 -21.19 -8.04 41.97
C ALA A 270 -21.12 -6.89 42.96
N SER A 271 -21.97 -5.87 42.81
CA SER A 271 -21.88 -4.67 43.63
C SER A 271 -22.80 -4.77 44.84
N PRO A 272 -22.26 -4.56 46.00
CA PRO A 272 -23.03 -4.48 47.21
C PRO A 272 -23.60 -3.07 47.30
N ASN A 273 -23.71 -2.38 46.19
CA ASN A 273 -24.25 -1.06 46.17
C ASN A 273 -25.42 -0.93 45.21
N LYS A 274 -26.08 -2.02 44.92
CA LYS A 274 -27.18 -1.97 43.99
C LYS A 274 -28.29 -0.99 44.27
N GLU A 275 -28.68 -0.87 45.51
CA GLU A 275 -29.72 0.08 45.90
C GLU A 275 -29.21 1.52 45.78
N LEU A 276 -27.95 1.77 46.17
CA LEU A 276 -27.39 3.10 46.04
C LEU A 276 -27.20 3.48 44.57
N ALA A 277 -26.77 2.54 43.74
CA ALA A 277 -26.66 2.80 42.32
C ALA A 277 -28.04 3.04 41.70
N LYS A 278 -29.03 2.26 42.12
CA LYS A 278 -30.40 2.47 41.65
C LYS A 278 -30.93 3.83 42.10
N GLU A 279 -30.63 4.21 43.34
CA GLU A 279 -31.06 5.52 43.83
C GLU A 279 -30.38 6.65 43.07
N PHE A 280 -29.06 6.55 42.89
CA PHE A 280 -28.33 7.60 42.19
C PHE A 280 -28.79 7.73 40.74
N LEU A 281 -29.01 6.60 40.07
CA LEU A 281 -29.39 6.66 38.66
C LEU A 281 -30.81 7.21 38.50
N GLU A 282 -31.76 6.73 39.31
CA GLU A 282 -33.16 7.09 39.14
C GLU A 282 -33.48 8.48 39.66
N ASN A 283 -32.92 8.85 40.82
CA ASN A 283 -33.32 10.07 41.50
C ASN A 283 -32.32 11.21 41.37
N TYR A 284 -31.13 10.95 40.86
CA TYR A 284 -30.14 12.01 40.69
C TYR A 284 -29.74 12.22 39.24
N LEU A 285 -29.36 11.15 38.53
CA LEU A 285 -28.93 11.32 37.15
C LEU A 285 -30.12 11.53 36.22
N LEU A 286 -31.03 10.54 36.18
CA LEU A 286 -32.17 10.62 35.30
C LEU A 286 -33.22 11.59 35.82
N THR A 287 -32.78 12.82 36.07
CA THR A 287 -33.64 13.97 36.37
C THR A 287 -33.24 15.10 35.45
N ASP A 288 -34.03 16.18 35.45
CA ASP A 288 -33.70 17.34 34.63
C ASP A 288 -32.36 17.94 35.06
N GLU A 289 -32.21 18.25 36.35
CA GLU A 289 -30.98 18.86 36.84
C GLU A 289 -29.79 17.93 36.68
N GLY A 290 -30.00 16.62 36.78
CA GLY A 290 -28.88 15.69 36.65
C GLY A 290 -28.41 15.57 35.21
N LEU A 291 -29.36 15.40 34.27
CA LEU A 291 -28.99 15.34 32.86
C LEU A 291 -28.50 16.68 32.35
N GLU A 292 -28.96 17.79 32.95
CA GLU A 292 -28.48 19.10 32.55
C GLU A 292 -27.00 19.26 32.87
N ALA A 293 -26.59 18.87 34.07
CA ALA A 293 -25.19 18.97 34.45
C ALA A 293 -24.30 18.13 33.54
N VAL A 294 -24.77 16.95 33.14
CA VAL A 294 -24.01 16.14 32.20
C VAL A 294 -24.05 16.76 30.81
N ASN A 295 -25.24 17.23 30.38
CA ASN A 295 -25.38 17.73 29.02
C ASN A 295 -24.56 19.01 28.81
N LYS A 296 -24.48 19.87 29.82
CA LYS A 296 -23.69 21.09 29.70
C LYS A 296 -22.21 20.78 29.54
N ASP A 297 -21.75 19.63 30.03
CA ASP A 297 -20.37 19.20 29.86
C ASP A 297 -20.15 18.76 28.42
N LYS A 298 -20.68 17.59 28.07
CA LYS A 298 -20.68 17.12 26.69
C LYS A 298 -22.11 16.74 26.34
N PRO A 299 -22.68 17.29 25.26
CA PRO A 299 -24.08 17.02 24.94
C PRO A 299 -24.36 15.53 24.82
N LEU A 300 -25.51 15.12 25.36
CA LEU A 300 -25.88 13.72 25.43
C LEU A 300 -26.58 13.20 24.18
N GLY A 301 -27.20 14.08 23.40
CA GLY A 301 -28.08 13.66 22.33
C GLY A 301 -29.52 13.80 22.74
N ALA A 302 -30.38 12.88 22.32
CA ALA A 302 -31.80 12.93 22.67
C ALA A 302 -32.00 12.09 23.92
N VAL A 303 -32.11 12.75 25.07
CA VAL A 303 -32.14 12.03 26.33
C VAL A 303 -33.41 11.19 26.44
N ALA A 304 -33.31 10.09 27.18
CA ALA A 304 -34.44 9.20 27.37
C ALA A 304 -35.52 9.81 28.26
N LEU A 305 -35.17 10.80 29.08
CA LEU A 305 -36.12 11.41 30.01
C LEU A 305 -37.04 12.36 29.25
N LYS A 306 -38.34 12.08 29.27
CA LYS A 306 -39.29 12.86 28.49
C LYS A 306 -39.28 14.33 28.90
N SER A 307 -39.21 14.61 30.20
CA SER A 307 -39.36 15.99 30.66
C SER A 307 -38.20 16.87 30.17
N TYR A 308 -36.98 16.34 30.18
CA TYR A 308 -35.84 17.13 29.72
C TYR A 308 -35.68 17.09 28.22
N GLU A 309 -36.12 16.01 27.57
CA GLU A 309 -35.99 15.95 26.11
C GLU A 309 -36.93 16.93 25.42
N GLU A 310 -38.07 17.24 26.05
CA GLU A 310 -38.95 18.27 25.50
C GLU A 310 -38.25 19.62 25.47
N GLU A 311 -37.28 19.83 26.35
CA GLU A 311 -36.45 21.03 26.29
C GLU A 311 -35.38 20.89 25.20
N LEU A 312 -34.65 19.77 25.22
CA LEU A 312 -33.53 19.59 24.30
C LEU A 312 -33.97 19.49 22.85
N ALA A 313 -35.17 18.95 22.59
CA ALA A 313 -35.61 18.76 21.22
C ALA A 313 -35.73 20.07 20.45
N LYS A 314 -35.83 21.20 21.15
CA LYS A 314 -35.89 22.50 20.47
C LYS A 314 -34.57 22.85 19.79
N ASP A 315 -33.46 22.29 20.24
CA ASP A 315 -32.17 22.51 19.62
C ASP A 315 -32.17 21.94 18.20
N PRO A 316 -31.94 22.77 17.18
CA PRO A 316 -31.93 22.23 15.81
C PRO A 316 -30.85 21.19 15.58
N ARG A 317 -29.76 21.23 16.34
CA ARG A 317 -28.75 20.17 16.24
C ARG A 317 -29.31 18.83 16.71
N ILE A 318 -30.21 18.85 17.70
CA ILE A 318 -30.84 17.62 18.16
C ILE A 318 -31.85 17.13 17.14
N ALA A 319 -32.57 18.06 16.49
CA ALA A 319 -33.54 17.68 15.47
C ALA A 319 -32.84 17.04 14.27
N ALA A 320 -31.64 17.51 13.92
CA ALA A 320 -30.88 16.86 12.85
C ALA A 320 -30.42 15.47 13.27
N THR A 321 -30.03 15.33 14.52
CA THR A 321 -29.62 14.05 15.04
C THR A 321 -30.74 13.05 14.92
N MET A 322 -31.93 13.44 15.31
CA MET A 322 -33.12 12.60 15.20
C MET A 322 -33.48 12.31 13.76
N GLU A 323 -33.27 13.27 12.91
CA GLU A 323 -33.50 13.06 11.52
C GLU A 323 -32.60 11.95 11.05
N ASN A 324 -31.33 11.95 11.41
CA ASN A 324 -30.43 10.88 11.02
C ASN A 324 -30.80 9.56 11.70
N ALA A 325 -31.15 9.62 13.00
CA ALA A 325 -31.52 8.40 13.72
C ALA A 325 -32.76 7.76 13.11
N GLN A 326 -33.71 8.57 12.63
CA GLN A 326 -34.86 8.00 11.93
C GLN A 326 -34.45 7.31 10.63
N LYS A 327 -33.43 7.82 9.96
CA LYS A 327 -32.95 7.17 8.75
C LYS A 327 -32.15 5.91 9.04
N GLY A 328 -31.65 5.75 10.27
CA GLY A 328 -30.88 4.58 10.65
C GLY A 328 -31.72 3.58 11.42
N GLU A 329 -31.02 2.73 12.18
CA GLU A 329 -31.66 1.68 12.97
C GLU A 329 -31.04 1.62 14.35
N ILE A 330 -31.89 1.33 15.35
CA ILE A 330 -31.38 1.03 16.68
C ILE A 330 -30.53 -0.23 16.62
N MET A 331 -29.37 -0.18 17.25
CA MET A 331 -28.47 -1.32 17.23
C MET A 331 -29.09 -2.52 17.94
N PRO A 332 -28.77 -3.74 17.51
CA PRO A 332 -29.04 -4.91 18.34
C PRO A 332 -28.20 -4.86 19.60
N ASN A 333 -28.68 -5.56 20.64
CA ASN A 333 -27.91 -5.73 21.86
C ASN A 333 -27.44 -7.15 22.06
N ILE A 334 -27.65 -8.02 21.08
CA ILE A 334 -27.35 -9.45 21.21
C ILE A 334 -25.86 -9.64 21.44
N PRO A 335 -25.45 -10.70 22.13
CA PRO A 335 -24.02 -10.88 22.44
C PRO A 335 -23.11 -10.90 21.21
N GLN A 336 -23.64 -11.25 20.05
CA GLN A 336 -22.84 -11.33 18.83
C GLN A 336 -22.38 -9.96 18.33
N MET A 337 -22.93 -8.87 18.88
CA MET A 337 -22.61 -7.53 18.38
C MET A 337 -21.11 -7.25 18.46
N SER A 338 -20.46 -7.71 19.53
CA SER A 338 -19.03 -7.44 19.69
C SER A 338 -18.23 -8.12 18.58
N ALA A 339 -18.56 -9.37 18.25
CA ALA A 339 -17.88 -10.05 17.16
C ALA A 339 -18.19 -9.39 15.81
N PHE A 340 -19.37 -8.81 15.66
CA PHE A 340 -19.67 -8.08 14.44
C PHE A 340 -18.81 -6.83 14.32
N TRP A 341 -18.66 -6.07 15.41
CA TRP A 341 -17.91 -4.82 15.36
C TRP A 341 -16.43 -5.07 15.11
N TYR A 342 -15.86 -6.11 15.72
CA TYR A 342 -14.45 -6.43 15.48
C TYR A 342 -14.21 -6.76 14.01
N ALA A 343 -15.06 -7.60 13.43
CA ALA A 343 -14.88 -8.05 12.05
C ALA A 343 -14.97 -6.88 11.07
N VAL A 344 -15.92 -5.97 11.29
CA VAL A 344 -16.06 -4.83 10.39
C VAL A 344 -14.91 -3.84 10.59
N ARG A 345 -14.46 -3.66 11.84
CA ARG A 345 -13.33 -2.79 12.10
C ARG A 345 -12.10 -3.26 11.32
N THR A 346 -11.82 -4.56 11.35
CA THR A 346 -10.70 -5.10 10.59
C THR A 346 -10.91 -4.93 9.10
N ALA A 347 -12.15 -5.12 8.63
CA ALA A 347 -12.40 -5.03 7.20
C ALA A 347 -12.20 -3.61 6.68
N VAL A 348 -12.66 -2.61 7.43
CA VAL A 348 -12.51 -1.23 7.00
C VAL A 348 -11.06 -0.81 7.02
N ILE A 349 -10.32 -1.17 8.08
CA ILE A 349 -8.92 -0.76 8.19
C ILE A 349 -8.07 -1.44 7.13
N ASN A 350 -8.32 -2.73 6.88
CA ASN A 350 -7.51 -3.48 5.92
C ASN A 350 -7.74 -3.01 4.50
N ALA A 351 -8.96 -2.60 4.16
CA ALA A 351 -9.23 -2.12 2.81
C ALA A 351 -8.76 -0.68 2.63
N ALA A 352 -8.92 0.16 3.66
CA ALA A 352 -8.48 1.53 3.56
C ALA A 352 -6.97 1.63 3.45
N SER A 353 -6.25 0.68 4.04
CA SER A 353 -4.79 0.69 3.99
C SER A 353 -4.26 0.08 2.71
N GLY A 354 -5.00 -0.85 2.11
CA GLY A 354 -4.53 -1.60 0.96
C GLY A 354 -4.03 -2.99 1.27
N ARG A 355 -4.03 -3.39 2.55
CA ARG A 355 -3.61 -4.74 2.90
C ARG A 355 -4.53 -5.78 2.29
N GLN A 356 -5.79 -5.43 2.06
CA GLN A 356 -6.77 -6.33 1.49
C GLN A 356 -7.67 -5.54 0.54
N THR A 357 -8.14 -6.21 -0.50
CA THR A 357 -9.15 -5.60 -1.36
C THR A 357 -10.50 -5.58 -0.63
N VAL A 358 -11.42 -4.79 -1.19
CA VAL A 358 -12.75 -4.67 -0.58
C VAL A 358 -13.46 -6.01 -0.56
N ASP A 359 -13.37 -6.76 -1.66
CA ASP A 359 -14.03 -8.06 -1.73
C ASP A 359 -13.49 -9.01 -0.66
N ALA A 360 -12.17 -9.08 -0.53
CA ALA A 360 -11.57 -10.02 0.42
C ALA A 360 -11.82 -9.59 1.86
N ALA A 361 -11.75 -8.29 2.14
CA ALA A 361 -11.94 -7.81 3.50
C ALA A 361 -13.37 -8.07 3.98
N LEU A 362 -14.36 -7.86 3.10
CA LEU A 362 -15.75 -8.06 3.51
C LEU A 362 -16.12 -9.53 3.56
N ALA A 363 -15.53 -10.36 2.69
CA ALA A 363 -15.80 -11.80 2.74
C ALA A 363 -15.34 -12.40 4.06
N ALA A 364 -14.16 -11.99 4.55
CA ALA A 364 -13.67 -12.50 5.82
C ALA A 364 -14.45 -11.89 6.99
N ALA A 365 -14.85 -10.63 6.86
CA ALA A 365 -15.63 -9.99 7.91
C ALA A 365 -16.97 -10.70 8.09
N GLN A 366 -17.58 -11.17 7.01
CA GLN A 366 -18.84 -11.89 7.12
C GLN A 366 -18.65 -13.22 7.83
N THR A 367 -17.55 -13.91 7.53
CA THR A 367 -17.25 -15.16 8.21
C THR A 367 -16.97 -14.92 9.70
N ASN A 368 -16.23 -13.86 10.02
CA ASN A 368 -15.90 -13.59 11.41
C ASN A 368 -17.10 -13.12 12.22
N ALA A 369 -17.91 -12.23 11.64
CA ALA A 369 -19.07 -11.70 12.35
C ALA A 369 -20.08 -12.77 12.72
N ALA A 370 -20.12 -13.88 11.99
CA ALA A 370 -21.00 -15.00 12.28
C ALA A 370 -20.30 -16.14 13.01
N ARG A 371 -18.97 -16.07 13.17
CA ARG A 371 -18.26 -17.17 13.80
C ARG A 371 -18.75 -17.36 15.23
N ARG A 372 -19.18 -18.59 15.52
CA ARG A 372 -19.60 -18.93 16.87
C ARG A 372 -18.38 -18.96 17.79
N LYS A 373 -18.44 -18.23 18.89
CA LYS A 373 -17.32 -18.27 19.82
C LYS A 373 -17.34 -19.59 20.58
N PRO A 374 -16.24 -20.34 20.57
CA PRO A 374 -16.24 -21.65 21.24
C PRO A 374 -16.37 -21.50 22.75
N SER A 375 -17.20 -22.35 23.33
CA SER A 375 -17.40 -22.31 24.78
C SER A 375 -16.11 -22.65 25.52
N TRP A 376 -16.07 -22.23 26.79
CA TRP A 376 -14.95 -22.60 27.66
C TRP A 376 -14.74 -24.11 27.67
N ARG A 377 -15.84 -24.88 27.74
CA ARG A 377 -15.74 -26.34 27.80
C ARG A 377 -15.20 -26.90 26.49
N GLU A 378 -15.56 -26.30 25.37
CA GLU A 378 -15.01 -26.73 24.08
C GLU A 378 -13.51 -26.50 24.01
N ARG A 379 -13.06 -25.30 24.39
CA ARG A 379 -11.63 -25.04 24.53
C ARG A 379 -10.99 -26.06 25.46
N GLU A 380 -11.65 -26.38 26.57
CA GLU A 380 -11.08 -27.30 27.55
C GLU A 380 -11.03 -28.73 27.01
N ASN A 381 -12.05 -29.11 26.23
CA ASN A 381 -12.04 -30.44 25.60
C ASN A 381 -10.84 -30.59 24.67
N ASN A 382 -10.53 -29.54 23.89
CA ASN A 382 -9.39 -29.60 23.00
C ASN A 382 -8.07 -29.65 23.77
N ARG A 383 -7.94 -28.83 24.81
CA ARG A 383 -6.71 -28.82 25.59
C ARG A 383 -6.45 -30.19 26.21
N ARG A 384 -7.46 -30.77 26.84
CA ARG A 384 -7.28 -32.07 27.48
C ARG A 384 -6.99 -33.16 26.45
N ARG A 385 -7.65 -33.10 25.29
CA ARG A 385 -7.41 -34.12 24.27
C ARG A 385 -5.95 -34.14 23.83
N GLU A 386 -5.39 -32.96 23.55
CA GLU A 386 -3.98 -32.90 23.15
C GLU A 386 -3.06 -33.23 24.30
N ARG A 387 -3.42 -32.83 25.54
CA ARG A 387 -2.66 -33.27 26.71
C ARG A 387 -2.63 -34.78 26.82
N ARG A 388 -3.78 -35.43 26.59
CA ARG A 388 -3.80 -36.89 26.67
C ARG A 388 -3.03 -37.52 25.53
N ARG A 389 -3.11 -36.96 24.33
CA ARG A 389 -2.36 -37.52 23.21
C ARG A 389 -0.87 -37.50 23.47
N ARG A 390 -0.37 -36.43 24.10
CA ARG A 390 1.05 -36.36 24.42
C ARG A 390 1.41 -37.34 25.54
N ALA A 391 0.53 -37.50 26.53
CA ALA A 391 0.85 -38.36 27.67
C ALA A 391 0.97 -39.83 27.25
N VAL A 392 0.09 -40.29 26.36
CA VAL A 392 0.20 -41.65 25.83
C VAL A 392 1.55 -41.84 25.14
N ALA A 393 1.88 -40.92 24.21
CA ALA A 393 3.15 -41.03 23.49
C ALA A 393 4.34 -40.95 24.42
N ALA A 394 4.27 -40.14 25.46
CA ALA A 394 5.37 -40.03 26.38
C ALA A 394 5.66 -41.31 27.13
N LYS A 395 4.63 -42.02 27.51
CA LYS A 395 4.75 -43.27 28.16
C LYS A 395 5.36 -44.32 27.28
N ILE A 396 4.99 -44.33 26.03
CA ILE A 396 5.50 -45.28 25.10
C ILE A 396 6.98 -45.10 24.95
N TYR A 397 7.41 -43.88 24.71
CA TYR A 397 8.83 -43.62 24.58
C TYR A 397 9.57 -43.84 25.89
N THR A 398 8.91 -43.62 27.02
CA THR A 398 9.52 -43.93 28.32
C THR A 398 9.80 -45.42 28.42
N GLY A 399 8.85 -46.26 27.99
CA GLY A 399 9.07 -47.69 28.04
C GLY A 399 10.14 -48.17 27.07
N LEU A 400 10.15 -47.61 25.85
CA LEU A 400 11.15 -48.00 24.87
C LEU A 400 12.55 -47.58 25.32
N ARG A 401 12.66 -46.40 25.94
CA ARG A 401 13.97 -45.93 26.41
C ARG A 401 14.50 -46.83 27.52
N ALA A 402 13.65 -47.25 28.46
CA ALA A 402 14.12 -48.00 29.62
C ALA A 402 14.24 -49.50 29.36
N GLN A 403 13.62 -50.03 28.30
CA GLN A 403 13.61 -51.46 28.06
C GLN A 403 14.07 -51.86 26.67
N GLY A 404 14.34 -50.92 25.78
CA GLY A 404 14.70 -51.31 24.42
C GLY A 404 16.10 -51.83 24.25
N ASP A 405 17.05 -51.36 25.06
CA ASP A 405 18.49 -51.55 24.82
C ASP A 405 18.81 -51.24 23.35
N TYR A 406 18.50 -50.01 22.94
CA TYR A 406 18.41 -49.68 21.53
C TYR A 406 19.71 -49.16 20.94
N ASN A 407 20.81 -49.24 21.66
CA ASN A 407 22.08 -48.65 21.23
C ASN A 407 21.86 -47.20 20.81
N LEU A 408 21.30 -46.43 21.73
CA LEU A 408 21.07 -45.02 21.55
C LEU A 408 22.28 -44.23 22.00
N PRO A 409 22.42 -42.99 21.53
CA PRO A 409 23.41 -42.07 22.09
C PRO A 409 22.99 -41.56 23.45
N LYS A 410 23.91 -40.83 24.09
CA LYS A 410 23.67 -40.24 25.41
C LYS A 410 22.41 -39.38 25.43
N HIS A 411 22.28 -38.49 24.44
CA HIS A 411 21.11 -37.63 24.31
C HIS A 411 20.57 -37.77 22.90
N CYS A 412 19.26 -37.94 22.78
CA CYS A 412 18.61 -38.07 21.50
C CYS A 412 17.14 -37.74 21.68
N ASP A 413 16.53 -37.26 20.61
CA ASP A 413 15.09 -37.00 20.64
C ASP A 413 14.32 -38.31 20.52
N ASN A 414 13.02 -38.24 20.79
CA ASN A 414 12.19 -39.44 20.68
C ASN A 414 12.11 -39.95 19.25
N ASN A 415 12.42 -39.12 18.25
CA ASN A 415 12.48 -39.60 16.87
C ASN A 415 13.57 -40.64 16.69
N GLU A 416 14.71 -40.48 17.36
CA GLU A 416 15.76 -41.49 17.27
C GLU A 416 15.34 -42.78 17.96
N VAL A 417 14.54 -42.70 19.03
CA VAL A 417 13.98 -43.90 19.63
C VAL A 417 13.02 -44.58 18.67
N LEU A 418 12.14 -43.79 18.03
CA LEU A 418 11.21 -44.33 17.05
C LEU A 418 11.94 -45.01 15.90
N LYS A 419 13.02 -44.39 15.42
CA LYS A 419 13.83 -45.00 14.36
C LYS A 419 14.35 -46.37 14.79
N ALA A 420 14.93 -46.45 16.01
CA ALA A 420 15.42 -47.72 16.51
C ALA A 420 14.30 -48.75 16.61
N LEU A 421 13.11 -48.31 16.99
CA LEU A 421 11.96 -49.22 17.01
C LEU A 421 11.62 -49.73 15.62
N CYS A 422 11.84 -48.91 14.59
CA CYS A 422 11.49 -49.31 13.23
C CYS A 422 12.41 -50.41 12.71
N VAL A 423 13.73 -50.28 12.92
CA VAL A 423 14.64 -51.33 12.46
C VAL A 423 14.41 -52.62 13.23
N GLU A 424 14.07 -52.52 14.52
CA GLU A 424 13.78 -53.72 15.30
C GLU A 424 12.54 -54.43 14.75
N ALA A 425 11.57 -53.69 14.23
CA ALA A 425 10.42 -54.29 13.56
C ALA A 425 10.72 -54.66 12.11
N GLY A 426 11.92 -54.36 11.61
CA GLY A 426 12.29 -54.71 10.25
C GLY A 426 12.12 -53.61 9.23
N TRP A 427 12.23 -52.35 9.63
CA TRP A 427 12.06 -51.22 8.72
C TRP A 427 13.41 -50.57 8.43
N VAL A 428 13.45 -49.83 7.34
CA VAL A 428 14.58 -48.96 7.03
C VAL A 428 14.06 -47.53 7.08
N VAL A 429 14.72 -46.69 7.87
CA VAL A 429 14.39 -45.28 8.01
C VAL A 429 15.59 -44.47 7.55
N GLU A 430 15.37 -43.60 6.57
CA GLU A 430 16.39 -42.69 6.12
C GLU A 430 16.45 -41.50 7.06
N GLU A 431 17.30 -40.52 6.72
CA GLU A 431 17.51 -39.39 7.61
C GLU A 431 16.29 -38.49 7.65
N ASP A 432 15.67 -38.22 6.50
CA ASP A 432 14.48 -37.38 6.55
C ASP A 432 13.25 -38.13 7.05
N GLY A 433 13.47 -39.31 7.57
CA GLY A 433 12.41 -40.14 8.07
C GLY A 433 11.68 -41.00 7.07
N THR A 434 12.17 -41.09 5.86
CA THR A 434 11.55 -41.90 4.87
C THR A 434 11.70 -43.36 5.27
N THR A 435 10.59 -44.07 5.34
CA THR A 435 10.59 -45.43 5.83
C THR A 435 9.92 -46.48 4.97
N TYR A 436 10.49 -47.67 4.96
CA TYR A 436 9.93 -48.79 4.19
C TYR A 436 10.37 -50.09 4.84
N ARG A 437 9.74 -51.17 4.40
CA ARG A 437 10.02 -52.51 4.92
C ARG A 437 11.25 -53.10 4.24
N LYS C 2 2.28 -4.72 -1.29
CA LYS C 2 2.45 -4.80 0.16
C LYS C 2 2.99 -6.15 0.56
N ILE C 3 4.24 -6.19 0.95
CA ILE C 3 4.87 -7.42 1.34
C ILE C 3 4.38 -7.98 2.68
N GLU C 4 4.43 -9.29 2.85
CA GLU C 4 4.02 -9.94 4.07
C GLU C 4 5.16 -10.69 4.74
N GLU C 5 5.26 -10.56 6.04
CA GLU C 5 6.29 -11.21 6.82
C GLU C 5 6.18 -12.74 6.71
N GLY C 6 7.33 -13.40 6.57
CA GLY C 6 7.39 -14.83 6.42
C GLY C 6 7.28 -15.33 5.00
N LYS C 7 7.28 -14.44 4.02
CA LYS C 7 7.25 -14.82 2.61
C LYS C 7 8.17 -13.87 1.85
N LEU C 8 8.74 -14.38 0.75
CA LEU C 8 9.63 -13.60 -0.10
C LEU C 8 9.02 -13.44 -1.48
N VAL C 9 8.97 -12.19 -1.95
CA VAL C 9 8.57 -11.88 -3.31
C VAL C 9 9.78 -11.30 -4.03
N ILE C 10 10.12 -11.87 -5.19
CA ILE C 10 11.32 -11.49 -5.94
C ILE C 10 10.89 -11.03 -7.33
N TRP C 11 11.44 -9.90 -7.78
CA TRP C 11 11.21 -9.38 -9.12
C TRP C 11 12.46 -9.61 -9.96
N ILE C 12 12.28 -10.17 -11.16
CA ILE C 12 13.40 -10.42 -12.07
C ILE C 12 12.88 -10.42 -13.50
N ASN C 13 13.70 -9.91 -14.42
CA ASN C 13 13.26 -9.59 -15.77
C ASN C 13 12.94 -10.86 -16.57
N GLY C 14 12.12 -10.69 -17.60
CA GLY C 14 11.61 -11.83 -18.34
C GLY C 14 12.66 -12.49 -19.22
N ASP C 15 13.62 -11.69 -19.70
CA ASP C 15 14.74 -12.27 -20.45
C ASP C 15 15.57 -13.18 -19.56
N LYS C 16 15.67 -12.86 -18.27
CA LYS C 16 16.46 -13.68 -17.37
C LYS C 16 15.68 -14.94 -16.99
N GLY C 17 16.40 -15.91 -16.44
CA GLY C 17 15.79 -17.18 -16.14
C GLY C 17 14.93 -17.19 -14.89
N TYR C 18 13.81 -16.47 -14.92
CA TYR C 18 12.92 -16.40 -13.76
C TYR C 18 12.47 -17.80 -13.33
N ASN C 19 12.36 -18.73 -14.28
CA ASN C 19 11.90 -20.07 -13.94
C ASN C 19 12.96 -20.84 -13.16
N GLY C 20 14.23 -20.64 -13.51
CA GLY C 20 15.29 -21.30 -12.75
C GLY C 20 15.48 -20.68 -11.38
N LEU C 21 15.26 -19.36 -11.28
CA LEU C 21 15.33 -18.71 -9.98
C LEU C 21 14.27 -19.25 -9.04
N ALA C 22 13.05 -19.44 -9.54
CA ALA C 22 11.97 -19.97 -8.71
C ALA C 22 12.29 -21.36 -8.19
N GLU C 23 12.96 -22.17 -9.01
CA GLU C 23 13.38 -23.50 -8.58
C GLU C 23 14.26 -23.41 -7.34
N VAL C 24 15.14 -22.40 -7.29
CA VAL C 24 15.92 -22.13 -6.10
C VAL C 24 15.02 -21.73 -4.94
N GLY C 25 14.00 -20.90 -5.22
CA GLY C 25 13.06 -20.51 -4.19
C GLY C 25 12.24 -21.68 -3.68
N LYS C 26 11.80 -22.55 -4.58
CA LYS C 26 11.03 -23.72 -4.16
C LYS C 26 11.86 -24.61 -3.24
N LYS C 27 13.18 -24.64 -3.43
CA LYS C 27 14.04 -25.39 -2.51
C LYS C 27 14.17 -24.68 -1.18
N PHE C 28 14.34 -23.35 -1.21
CA PHE C 28 14.36 -22.58 0.01
C PHE C 28 13.07 -22.79 0.82
N GLU C 29 11.94 -22.93 0.12
CA GLU C 29 10.69 -23.24 0.79
C GLU C 29 10.74 -24.62 1.45
N LYS C 30 11.39 -25.58 0.79
CA LYS C 30 11.46 -26.93 1.35
C LYS C 30 12.25 -26.96 2.64
N ASP C 31 13.36 -26.22 2.70
CA ASP C 31 14.24 -26.26 3.86
C ASP C 31 13.76 -25.39 5.01
N THR C 32 13.01 -24.33 4.71
CA THR C 32 12.62 -23.36 5.72
C THR C 32 11.11 -23.18 5.88
N GLY C 33 10.30 -23.63 4.92
CA GLY C 33 8.88 -23.35 4.95
C GLY C 33 8.50 -21.97 4.49
N ILE C 34 9.45 -21.18 4.01
CA ILE C 34 9.17 -19.83 3.53
C ILE C 34 8.83 -19.89 2.04
N LYS C 35 7.62 -19.51 1.68
CA LYS C 35 7.21 -19.44 0.29
C LYS C 35 7.96 -18.32 -0.43
N VAL C 36 8.44 -18.62 -1.62
CA VAL C 36 9.19 -17.66 -2.44
C VAL C 36 8.46 -17.51 -3.76
N THR C 37 8.06 -16.28 -4.11
CA THR C 37 7.35 -15.99 -5.34
C THR C 37 8.23 -15.13 -6.23
N VAL C 38 8.51 -15.62 -7.44
CA VAL C 38 9.31 -14.91 -8.42
C VAL C 38 8.38 -14.34 -9.49
N GLU C 39 8.40 -13.03 -9.66
CA GLU C 39 7.59 -12.36 -10.66
C GLU C 39 8.51 -11.66 -11.67
N HIS C 40 7.95 -11.35 -12.85
CA HIS C 40 8.68 -10.68 -13.92
C HIS C 40 7.79 -9.63 -14.57
N PRO C 41 7.48 -8.54 -13.85
CA PRO C 41 6.63 -7.51 -14.43
C PRO C 41 7.35 -6.73 -15.53
N ASP C 42 6.56 -6.25 -16.49
CA ASP C 42 7.09 -5.36 -17.51
C ASP C 42 7.59 -4.06 -16.88
N LYS C 43 8.72 -3.57 -17.37
CA LYS C 43 9.30 -2.31 -16.92
C LYS C 43 9.49 -2.30 -15.40
N LEU C 44 9.96 -3.43 -14.87
CA LEU C 44 10.13 -3.54 -13.42
C LEU C 44 11.13 -2.52 -12.90
N GLU C 45 12.12 -2.15 -13.72
CA GLU C 45 13.10 -1.16 -13.31
C GLU C 45 12.46 0.21 -13.13
N GLU C 46 11.40 0.51 -13.88
CA GLU C 46 10.68 1.76 -13.68
C GLU C 46 9.64 1.64 -12.59
N LYS C 47 8.98 0.47 -12.49
CA LYS C 47 7.90 0.29 -11.54
C LYS C 47 8.40 0.21 -10.11
N PHE C 48 9.62 -0.28 -9.91
CA PHE C 48 10.11 -0.47 -8.55
C PHE C 48 10.21 0.83 -7.75
N PRO C 49 10.72 1.84 -8.38
CA PRO C 49 10.77 3.06 -7.63
C PRO C 49 9.37 3.53 -7.42
N GLN C 50 8.46 3.20 -8.32
CA GLN C 50 7.10 3.63 -8.11
C GLN C 50 6.41 2.98 -6.94
N VAL C 51 6.54 1.68 -6.83
CA VAL C 51 5.87 1.03 -5.75
C VAL C 51 6.65 1.07 -4.47
N ALA C 52 7.97 1.15 -4.52
CA ALA C 52 8.69 1.26 -3.28
C ALA C 52 8.36 2.48 -2.50
N ALA C 53 8.15 3.60 -3.17
CA ALA C 53 7.83 4.84 -2.50
C ALA C 53 6.55 4.85 -1.70
N THR C 54 5.59 4.02 -2.05
CA THR C 54 4.40 3.92 -1.28
C THR C 54 4.51 2.73 -0.33
N GLY C 55 5.67 2.10 -0.25
CA GLY C 55 5.89 0.97 0.63
C GLY C 55 5.54 -0.40 0.10
N ASP C 56 5.14 -0.44 -1.15
CA ASP C 56 4.83 -1.67 -1.82
C ASP C 56 6.04 -2.17 -2.58
N GLY C 57 5.90 -3.23 -3.32
CA GLY C 57 7.02 -3.72 -4.04
C GLY C 57 7.44 -5.04 -3.50
N PRO C 58 8.44 -5.61 -4.11
CA PRO C 58 8.92 -6.93 -3.70
C PRO C 58 9.95 -6.83 -2.57
N ASP C 59 10.34 -8.01 -2.08
CA ASP C 59 11.43 -8.09 -1.11
C ASP C 59 12.78 -7.92 -1.81
N ILE C 60 12.99 -8.64 -2.91
CA ILE C 60 14.25 -8.63 -3.65
C ILE C 60 13.97 -8.20 -5.08
N ILE C 61 14.79 -7.30 -5.60
CA ILE C 61 14.70 -6.85 -6.99
C ILE C 61 16.01 -7.17 -7.69
N PHE C 62 15.90 -7.74 -8.90
CA PHE C 62 17.03 -8.09 -9.74
C PHE C 62 17.11 -7.14 -10.92
N TRP C 63 18.29 -6.57 -11.14
CA TRP C 63 18.53 -5.73 -12.31
C TRP C 63 20.03 -5.52 -12.44
N ALA C 64 20.43 -5.03 -13.61
CA ALA C 64 21.80 -4.56 -13.78
C ALA C 64 22.08 -3.44 -12.80
N HIS C 65 23.35 -3.33 -12.38
CA HIS C 65 23.72 -2.47 -11.28
C HIS C 65 23.53 -0.97 -11.58
N ASP C 66 23.30 -0.61 -12.82
CA ASP C 66 23.16 0.78 -13.12
C ASP C 66 22.02 1.51 -12.46
N ARG C 67 20.91 0.84 -12.29
CA ARG C 67 19.76 1.40 -11.60
C ARG C 67 19.90 1.60 -10.10
N PHE C 68 20.62 0.70 -9.46
CA PHE C 68 20.72 0.69 -8.02
C PHE C 68 21.12 1.94 -7.31
N GLY C 69 22.00 2.73 -7.87
CA GLY C 69 22.37 3.97 -7.21
C GLY C 69 21.21 4.95 -7.12
N GLY C 70 20.37 5.00 -8.16
CA GLY C 70 19.15 5.78 -8.06
C GLY C 70 18.21 5.23 -7.00
N TYR C 71 18.23 3.93 -6.84
CA TYR C 71 17.40 3.31 -5.85
C TYR C 71 17.92 3.58 -4.46
N ALA C 72 19.22 3.64 -4.29
CA ALA C 72 19.81 3.90 -2.98
C ALA C 72 19.61 5.35 -2.57
N GLN C 73 19.68 6.27 -3.53
CA GLN C 73 19.48 7.69 -3.22
C GLN C 73 18.07 7.95 -2.72
N SER C 74 17.06 7.37 -3.38
CA SER C 74 15.68 7.49 -2.94
C SER C 74 15.40 6.71 -1.67
N GLY C 75 16.40 6.09 -1.06
CA GLY C 75 16.20 5.34 0.18
C GLY C 75 15.38 4.09 0.00
N LEU C 76 15.54 3.40 -1.14
CA LEU C 76 14.73 2.24 -1.45
C LEU C 76 15.42 0.92 -1.16
N LEU C 77 16.72 0.93 -0.87
CA LEU C 77 17.50 -0.29 -0.70
C LEU C 77 18.00 -0.41 0.73
N ALA C 78 18.08 -1.64 1.20
CA ALA C 78 18.73 -1.94 2.47
C ALA C 78 20.20 -2.21 2.24
N GLU C 79 21.03 -1.72 3.16
CA GLU C 79 22.48 -1.91 3.03
C GLU C 79 22.83 -3.39 3.13
N ILE C 80 23.67 -3.84 2.19
CA ILE C 80 24.14 -5.22 2.17
C ILE C 80 25.41 -5.29 3.00
N THR C 81 25.39 -6.10 4.07
CA THR C 81 26.51 -6.23 5.00
C THR C 81 26.93 -7.70 5.10
N PRO C 82 27.59 -8.22 4.08
CA PRO C 82 28.07 -9.61 4.15
C PRO C 82 29.33 -9.72 4.99
N ALA C 83 29.48 -10.89 5.60
CA ALA C 83 30.73 -11.21 6.29
C ALA C 83 31.87 -11.25 5.29
N ALA C 84 33.09 -11.01 5.78
CA ALA C 84 34.25 -11.04 4.90
C ALA C 84 34.41 -12.40 4.23
N ALA C 85 34.08 -13.47 4.95
CA ALA C 85 34.18 -14.82 4.39
C ALA C 85 33.32 -14.95 3.14
N PHE C 86 32.08 -14.47 3.20
CA PHE C 86 31.21 -14.52 2.03
C PHE C 86 31.68 -13.56 0.95
N GLN C 87 32.13 -12.37 1.35
CA GLN C 87 32.55 -11.36 0.37
C GLN C 87 33.69 -11.88 -0.51
N ASP C 88 34.59 -12.68 0.07
CA ASP C 88 35.73 -13.19 -0.70
C ASP C 88 35.32 -14.20 -1.77
N LYS C 89 34.12 -14.80 -1.65
CA LYS C 89 33.69 -15.77 -2.66
C LYS C 89 33.40 -15.11 -4.00
N LEU C 90 33.19 -13.80 -4.03
CA LEU C 90 32.87 -13.08 -5.25
C LEU C 90 34.07 -12.22 -5.67
N TYR C 91 34.20 -12.04 -6.97
CA TYR C 91 35.29 -11.22 -7.49
C TYR C 91 35.17 -9.80 -6.94
N PRO C 92 36.28 -9.19 -6.50
CA PRO C 92 36.19 -7.83 -5.95
C PRO C 92 35.54 -6.82 -6.88
N PHE C 93 35.80 -6.91 -8.18
CA PHE C 93 35.28 -5.92 -9.10
C PHE C 93 33.76 -5.98 -9.23
N THR C 94 33.13 -7.12 -8.96
CA THR C 94 31.68 -7.16 -8.98
C THR C 94 31.09 -6.46 -7.76
N TRP C 95 31.76 -6.56 -6.61
CA TRP C 95 31.38 -5.74 -5.46
C TRP C 95 31.53 -4.25 -5.76
N ASP C 96 32.55 -3.88 -6.54
CA ASP C 96 32.72 -2.47 -6.91
C ASP C 96 31.52 -1.94 -7.66
N ALA C 97 30.88 -2.78 -8.47
CA ALA C 97 29.73 -2.34 -9.26
C ALA C 97 28.52 -2.03 -8.38
N VAL C 98 28.41 -2.66 -7.20
CA VAL C 98 27.28 -2.46 -6.30
C VAL C 98 27.69 -1.66 -5.07
N ARG C 99 28.85 -1.01 -5.08
CA ARG C 99 29.22 -0.09 -4.03
C ARG C 99 28.73 1.30 -4.43
N TYR C 100 28.04 1.97 -3.50
CA TYR C 100 27.52 3.31 -3.75
C TYR C 100 27.71 4.15 -2.51
N ASN C 101 28.53 5.20 -2.62
CA ASN C 101 28.83 6.09 -1.50
C ASN C 101 29.38 5.31 -0.32
N GLY C 102 30.28 4.36 -0.61
CA GLY C 102 30.96 3.59 0.40
C GLY C 102 30.21 2.36 0.89
N LYS C 103 28.91 2.27 0.63
CA LYS C 103 28.10 1.17 1.14
C LYS C 103 27.71 0.23 0.01
N LEU C 104 27.75 -1.08 0.31
CA LEU C 104 27.23 -2.06 -0.62
C LEU C 104 25.70 -2.01 -0.59
N ILE C 105 25.08 -1.95 -1.78
CA ILE C 105 23.65 -1.78 -1.89
C ILE C 105 22.96 -2.96 -2.55
N ALA C 106 23.70 -3.95 -3.02
CA ALA C 106 23.11 -5.13 -3.63
C ALA C 106 24.15 -6.24 -3.66
N TYR C 107 23.68 -7.44 -4.03
CA TYR C 107 24.54 -8.59 -4.20
C TYR C 107 24.84 -8.76 -5.68
N PRO C 108 26.10 -8.75 -6.11
CA PRO C 108 26.40 -9.01 -7.52
C PRO C 108 26.14 -10.48 -7.85
N ILE C 109 25.66 -10.73 -9.07
CA ILE C 109 25.30 -12.08 -9.49
C ILE C 109 26.11 -12.51 -10.71
N ALA C 110 26.07 -11.72 -11.78
CA ALA C 110 26.72 -12.10 -13.01
C ALA C 110 27.09 -10.86 -13.82
N VAL C 111 28.12 -11.01 -14.65
CA VAL C 111 28.61 -9.94 -15.51
C VAL C 111 28.06 -10.16 -16.91
N GLU C 112 27.33 -9.16 -17.43
CA GLU C 112 26.74 -9.24 -18.77
C GLU C 112 27.42 -8.26 -19.70
N ALA C 113 27.62 -8.69 -20.94
CA ALA C 113 28.12 -7.80 -21.99
C ALA C 113 27.61 -8.30 -23.34
N LEU C 114 27.25 -7.37 -24.20
CA LEU C 114 26.77 -7.72 -25.54
C LEU C 114 27.91 -8.26 -26.40
N SER C 115 27.55 -9.12 -27.35
CA SER C 115 28.51 -9.63 -28.29
C SER C 115 27.83 -9.86 -29.63
N LEU C 116 28.63 -10.06 -30.67
CA LEU C 116 28.12 -10.34 -31.99
C LEU C 116 27.69 -11.80 -32.07
N ILE C 117 26.41 -12.02 -32.37
CA ILE C 117 25.86 -13.34 -32.61
C ILE C 117 25.56 -13.46 -34.09
N TYR C 118 26.00 -14.56 -34.70
CA TYR C 118 25.94 -14.67 -36.16
C TYR C 118 25.59 -16.08 -36.59
N ASN C 119 24.77 -16.17 -37.64
CA ASN C 119 24.42 -17.44 -38.25
C ASN C 119 25.65 -18.01 -38.96
N LYS C 120 26.15 -19.14 -38.46
CA LYS C 120 27.32 -19.78 -39.08
C LYS C 120 27.01 -20.25 -40.49
N ASP C 121 25.83 -20.80 -40.72
CA ASP C 121 25.54 -21.30 -42.02
C ASP C 121 25.44 -20.20 -42.99
N LEU C 122 24.70 -19.19 -42.65
CA LEU C 122 24.59 -18.02 -43.50
C LEU C 122 25.87 -17.17 -43.69
N LEU C 123 26.72 -17.07 -42.67
CA LEU C 123 27.97 -16.30 -42.75
C LEU C 123 29.03 -16.97 -41.95
N PRO C 124 29.77 -17.89 -42.56
CA PRO C 124 30.79 -18.69 -41.90
C PRO C 124 31.96 -17.88 -41.40
N ASN C 125 32.15 -16.75 -42.03
CA ASN C 125 33.19 -15.79 -41.66
C ASN C 125 32.53 -14.48 -41.23
N PRO C 126 32.40 -14.23 -39.92
CA PRO C 126 31.70 -13.04 -39.48
C PRO C 126 32.51 -11.78 -39.81
N PRO C 127 31.83 -10.66 -40.03
CA PRO C 127 32.56 -9.43 -40.37
C PRO C 127 33.27 -8.86 -39.15
N LYS C 128 34.46 -8.33 -39.39
CA LYS C 128 35.27 -7.77 -38.31
C LYS C 128 35.12 -6.26 -38.19
N THR C 129 34.44 -5.61 -39.11
CA THR C 129 34.23 -4.17 -39.05
C THR C 129 32.76 -3.85 -39.33
N TRP C 130 32.34 -2.67 -38.87
CA TRP C 130 30.99 -2.20 -39.16
C TRP C 130 30.88 -1.74 -40.61
N GLU C 131 31.99 -1.30 -41.21
CA GLU C 131 31.94 -0.69 -42.53
C GLU C 131 31.66 -1.70 -43.64
N GLU C 132 31.83 -2.99 -43.39
CA GLU C 132 31.63 -4.01 -44.40
C GLU C 132 30.24 -4.65 -44.36
N ILE C 133 29.38 -4.23 -43.43
CA ILE C 133 28.03 -4.77 -43.34
C ILE C 133 27.11 -4.25 -44.44
N PRO C 134 27.24 -2.98 -44.90
CA PRO C 134 26.44 -2.56 -46.06
C PRO C 134 26.67 -3.41 -47.31
N ALA C 135 27.92 -3.55 -47.76
CA ALA C 135 28.22 -4.50 -48.83
C ALA C 135 27.77 -5.90 -48.48
N LEU C 136 27.86 -6.28 -47.21
CA LEU C 136 27.19 -7.47 -46.71
C LEU C 136 25.68 -7.38 -46.91
N ASP C 137 25.11 -6.22 -46.69
CA ASP C 137 23.66 -6.09 -46.85
C ASP C 137 23.16 -6.44 -48.24
N LYS C 138 23.76 -5.82 -49.25
CA LYS C 138 23.39 -6.07 -50.62
C LYS C 138 23.57 -7.50 -50.99
N GLU C 139 24.61 -8.15 -50.57
CA GLU C 139 24.78 -9.55 -50.90
C GLU C 139 23.74 -10.41 -50.26
N LEU C 140 23.38 -10.06 -49.03
CA LEU C 140 22.35 -10.77 -48.30
C LEU C 140 20.94 -10.53 -48.85
N LYS C 141 20.70 -9.29 -49.22
CA LYS C 141 19.41 -8.85 -49.77
C LYS C 141 19.09 -9.58 -51.06
N ALA C 142 20.12 -9.81 -51.87
CA ALA C 142 20.03 -10.57 -53.10
C ALA C 142 19.60 -12.02 -52.85
N LYS C 143 19.97 -12.61 -51.72
CA LYS C 143 19.57 -13.96 -51.39
C LYS C 143 18.33 -14.00 -50.53
N GLY C 144 17.70 -12.86 -50.36
CA GLY C 144 16.48 -12.72 -49.59
C GLY C 144 16.61 -12.37 -48.12
N LYS C 145 17.83 -12.30 -47.63
CA LYS C 145 18.06 -12.00 -46.24
C LYS C 145 18.51 -10.60 -45.95
N SER C 146 18.86 -10.44 -44.70
CA SER C 146 19.45 -9.24 -44.18
C SER C 146 20.73 -9.66 -43.44
N ALA C 147 21.51 -8.68 -43.14
CA ALA C 147 22.80 -8.82 -42.48
C ALA C 147 22.68 -8.66 -40.97
N LEU C 148 22.13 -7.54 -40.52
CA LEU C 148 22.15 -7.17 -39.11
C LEU C 148 20.78 -6.67 -38.69
N MET C 149 20.27 -7.21 -37.58
CA MET C 149 19.01 -6.76 -36.99
C MET C 149 19.16 -6.85 -35.48
N PHE C 150 19.37 -5.72 -34.81
CA PHE C 150 19.38 -5.64 -33.36
C PHE C 150 18.39 -4.58 -32.91
N ASN C 151 18.02 -4.65 -31.63
CA ASN C 151 17.03 -3.75 -31.07
C ASN C 151 17.49 -2.31 -31.20
N LEU C 152 16.69 -1.51 -31.90
CA LEU C 152 17.00 -0.11 -32.11
C LEU C 152 16.22 0.82 -31.21
N GLN C 153 15.38 0.35 -30.31
CA GLN C 153 14.68 1.30 -29.44
C GLN C 153 15.30 1.42 -28.03
N GLU C 154 16.07 0.42 -27.62
CA GLU C 154 16.72 0.44 -26.32
C GLU C 154 18.17 0.72 -26.50
N PRO C 155 18.57 1.91 -26.11
CA PRO C 155 19.91 2.43 -26.29
C PRO C 155 21.07 1.59 -25.85
N TYR C 156 20.86 0.52 -25.12
CA TYR C 156 21.89 -0.35 -24.70
C TYR C 156 22.55 -0.96 -25.90
N PHE C 157 21.77 -1.40 -26.86
CA PHE C 157 22.26 -2.04 -28.08
C PHE C 157 23.02 -1.18 -29.06
N THR C 158 22.77 0.09 -29.01
CA THR C 158 23.36 1.00 -29.91
C THR C 158 24.49 1.77 -29.33
N TRP C 159 24.69 1.59 -28.04
CA TRP C 159 25.75 2.29 -27.35
C TRP C 159 27.14 1.94 -27.78
N PRO C 160 27.40 0.65 -28.01
CA PRO C 160 28.70 0.19 -28.45
C PRO C 160 29.19 0.98 -29.64
N LEU C 161 28.37 1.05 -30.70
CA LEU C 161 28.72 1.77 -31.89
C LEU C 161 28.93 3.20 -31.58
N ILE C 162 28.09 3.78 -30.75
CA ILE C 162 28.25 5.17 -30.44
C ILE C 162 29.54 5.47 -29.72
N ALA C 163 29.97 4.58 -28.86
CA ALA C 163 31.16 4.81 -28.12
C ALA C 163 32.42 4.34 -28.82
N ALA C 164 32.33 3.66 -29.96
CA ALA C 164 33.52 3.13 -30.59
C ALA C 164 34.50 4.21 -30.95
N ASP C 165 34.00 5.29 -31.51
CA ASP C 165 34.90 6.33 -31.87
C ASP C 165 34.95 7.41 -30.86
N GLY C 166 34.41 7.17 -29.68
CA GLY C 166 34.53 8.18 -28.68
C GLY C 166 33.35 8.79 -27.97
N GLY C 167 32.15 8.38 -28.29
CA GLY C 167 31.04 8.91 -27.53
C GLY C 167 31.10 8.32 -26.14
N TYR C 168 30.76 9.09 -25.14
CA TYR C 168 30.78 8.54 -23.82
C TYR C 168 29.65 9.01 -22.93
N ALA C 169 29.23 8.20 -21.98
CA ALA C 169 28.15 8.65 -21.14
C ALA C 169 28.46 9.72 -20.16
N PHE C 170 29.47 9.52 -19.33
CA PHE C 170 29.82 10.53 -18.35
C PHE C 170 31.31 10.52 -18.24
N LYS C 171 31.89 11.66 -17.99
CA LYS C 171 33.31 11.71 -17.94
C LYS C 171 33.81 11.43 -16.55
N TYR C 172 34.75 10.50 -16.48
CA TYR C 172 35.30 10.14 -15.22
C TYR C 172 36.46 11.02 -14.92
N ALA C 173 36.30 11.91 -13.95
CA ALA C 173 37.35 12.82 -13.56
C ALA C 173 37.66 12.80 -12.08
N ALA C 174 38.93 12.63 -11.76
CA ALA C 174 39.43 12.63 -10.39
C ALA C 174 38.75 11.68 -9.47
N GLY C 175 38.51 10.48 -9.92
CA GLY C 175 37.87 9.49 -9.10
C GLY C 175 36.36 9.45 -9.14
N LYS C 176 35.74 10.40 -9.83
CA LYS C 176 34.30 10.52 -9.92
C LYS C 176 33.80 10.72 -11.33
N TYR C 177 32.52 10.49 -11.55
CA TYR C 177 31.89 10.69 -12.83
C TYR C 177 31.36 12.07 -12.77
N ASP C 178 31.58 12.90 -13.79
CA ASP C 178 31.08 14.28 -13.79
C ASP C 178 29.71 14.37 -14.39
N ILE C 179 28.74 14.81 -13.60
CA ILE C 179 27.37 14.88 -14.05
C ILE C 179 27.14 15.88 -15.16
N LYS C 180 27.78 17.01 -15.09
CA LYS C 180 27.68 18.03 -16.10
C LYS C 180 28.34 17.68 -17.41
N ASP C 181 29.41 16.92 -17.35
CA ASP C 181 30.17 16.55 -18.54
C ASP C 181 29.73 15.35 -19.32
N VAL C 182 28.63 15.45 -20.01
CA VAL C 182 28.14 14.38 -20.84
C VAL C 182 28.88 14.35 -22.17
N GLY C 183 29.05 13.19 -22.76
CA GLY C 183 29.76 13.09 -24.00
C GLY C 183 29.04 12.56 -25.17
N VAL C 184 27.76 12.80 -25.25
CA VAL C 184 27.00 12.30 -26.38
C VAL C 184 27.01 13.24 -27.61
N ASP C 185 27.49 14.46 -27.41
CA ASP C 185 27.53 15.46 -28.47
C ASP C 185 28.93 15.56 -29.07
N ASN C 186 29.76 14.62 -28.74
CA ASN C 186 31.09 14.66 -29.26
C ASN C 186 31.21 14.11 -30.66
N ALA C 187 32.39 14.27 -31.22
CA ALA C 187 32.65 13.80 -32.56
C ALA C 187 32.48 12.30 -32.73
N GLY C 188 32.99 11.52 -31.81
CA GLY C 188 32.84 10.08 -31.93
C GLY C 188 31.42 9.61 -31.88
N ALA C 189 30.66 10.24 -31.01
CA ALA C 189 29.27 9.93 -30.89
C ALA C 189 28.57 10.36 -32.15
N LYS C 190 28.92 11.53 -32.68
CA LYS C 190 28.23 12.01 -33.88
C LYS C 190 28.46 11.07 -35.01
N ALA C 191 29.70 10.65 -35.17
CA ALA C 191 30.02 9.73 -36.22
C ALA C 191 29.31 8.42 -36.04
N GLY C 192 29.26 7.93 -34.83
CA GLY C 192 28.61 6.67 -34.58
C GLY C 192 27.15 6.71 -34.87
N LEU C 193 26.47 7.75 -34.42
CA LEU C 193 25.05 7.85 -34.67
C LEU C 193 24.77 8.06 -36.14
N THR C 194 25.63 8.84 -36.78
CA THR C 194 25.50 9.12 -38.20
C THR C 194 25.61 7.87 -39.03
N PHE C 195 26.46 6.95 -38.66
CA PHE C 195 26.56 5.71 -39.37
C PHE C 195 25.37 4.87 -39.18
N LEU C 196 24.71 4.95 -38.02
CA LEU C 196 23.49 4.18 -37.83
C LEU C 196 22.33 4.70 -38.69
N VAL C 197 22.17 6.01 -38.71
CA VAL C 197 21.18 6.68 -39.52
C VAL C 197 21.56 6.47 -40.98
N ASP C 198 22.85 6.56 -41.33
CA ASP C 198 23.29 6.35 -42.69
C ASP C 198 22.93 4.92 -43.12
N LEU C 199 23.04 3.91 -42.25
CA LEU C 199 22.61 2.58 -42.59
C LEU C 199 21.12 2.58 -42.79
N ILE C 200 20.40 3.31 -41.95
CA ILE C 200 18.97 3.41 -42.07
C ILE C 200 18.53 4.10 -43.35
N LYS C 201 19.24 5.18 -43.68
CA LYS C 201 19.00 5.97 -44.88
C LYS C 201 19.18 5.14 -46.12
N ASN C 202 20.15 4.23 -46.14
CA ASN C 202 20.41 3.37 -47.27
C ASN C 202 19.68 2.06 -47.17
N LYS C 203 18.72 1.96 -46.29
CA LYS C 203 17.91 0.80 -46.15
C LYS C 203 18.62 -0.47 -45.88
N HIS C 204 19.61 -0.35 -45.04
CA HIS C 204 20.34 -1.45 -44.48
C HIS C 204 19.67 -1.73 -43.13
N MET C 205 19.07 -0.72 -42.53
CA MET C 205 18.29 -0.86 -41.29
C MET C 205 17.04 0.03 -41.31
N ASN C 206 16.08 -0.30 -40.47
CA ASN C 206 14.81 0.43 -40.32
C ASN C 206 14.69 0.95 -38.88
N ALA C 207 14.38 2.22 -38.71
CA ALA C 207 14.32 2.85 -37.41
C ALA C 207 13.34 2.26 -36.37
N ASP C 208 12.30 1.59 -36.81
CA ASP C 208 11.35 1.02 -35.86
C ASP C 208 11.67 -0.38 -35.36
N THR C 209 12.76 -0.96 -35.81
CA THR C 209 13.07 -2.30 -35.38
C THR C 209 13.33 -2.30 -33.86
N ASP C 210 12.96 -3.37 -33.24
CA ASP C 210 13.04 -3.50 -31.84
C ASP C 210 13.43 -4.88 -31.44
N TYR C 211 13.47 -5.11 -30.12
CA TYR C 211 13.97 -6.34 -29.57
C TYR C 211 13.24 -7.47 -30.11
N SER C 212 11.93 -7.42 -30.12
CA SER C 212 11.14 -8.48 -30.65
C SER C 212 11.33 -8.63 -32.12
N ILE C 213 11.33 -7.53 -32.84
CA ILE C 213 11.51 -7.65 -34.26
C ILE C 213 12.87 -8.23 -34.56
N ALA C 214 13.91 -7.57 -34.07
CA ALA C 214 15.26 -8.03 -34.27
C ALA C 214 15.49 -9.38 -33.64
N GLU C 215 14.81 -9.68 -32.57
CA GLU C 215 15.07 -10.96 -31.95
C GLU C 215 14.49 -12.05 -32.83
N ALA C 216 13.34 -11.76 -33.43
CA ALA C 216 12.69 -12.66 -34.29
C ALA C 216 13.38 -12.94 -35.59
N ALA C 217 13.86 -11.92 -36.27
CA ALA C 217 14.55 -12.11 -37.54
C ALA C 217 15.69 -13.09 -37.43
N PHE C 218 16.56 -12.93 -36.45
CA PHE C 218 17.72 -13.83 -36.29
C PHE C 218 17.33 -15.25 -35.99
N ASN C 219 16.31 -15.40 -35.20
CA ASN C 219 15.83 -16.68 -34.79
C ASN C 219 15.25 -17.50 -35.92
N LYS C 220 14.72 -16.85 -36.94
CA LYS C 220 14.18 -17.52 -38.12
C LYS C 220 15.14 -17.55 -39.32
N GLY C 221 16.44 -17.50 -39.08
CA GLY C 221 17.37 -17.53 -40.19
C GLY C 221 17.15 -16.44 -41.21
N GLU C 222 16.47 -15.36 -40.84
CA GLU C 222 16.17 -14.27 -41.78
C GLU C 222 17.26 -13.22 -41.82
N THR C 223 17.88 -12.93 -40.68
CA THR C 223 19.04 -12.05 -40.64
C THR C 223 20.27 -12.86 -40.25
N ALA C 224 21.43 -12.43 -40.77
CA ALA C 224 22.65 -13.18 -40.54
C ALA C 224 23.25 -12.92 -39.16
N MET C 225 23.04 -11.73 -38.61
CA MET C 225 23.65 -11.37 -37.34
C MET C 225 22.66 -10.62 -36.46
N THR C 226 22.94 -10.64 -35.16
CA THR C 226 22.24 -9.81 -34.19
C THR C 226 23.20 -9.51 -33.05
N ILE C 227 22.82 -8.55 -32.21
CA ILE C 227 23.63 -8.11 -31.08
C ILE C 227 22.79 -8.26 -29.83
N ASN C 228 23.28 -9.09 -28.90
CA ASN C 228 22.54 -9.31 -27.67
C ASN C 228 23.45 -10.04 -26.67
N GLY C 229 22.95 -10.17 -25.44
CA GLY C 229 23.74 -10.70 -24.35
C GLY C 229 23.55 -12.19 -24.14
N PRO C 230 24.21 -12.74 -23.12
CA PRO C 230 24.19 -14.19 -22.93
C PRO C 230 22.81 -14.77 -22.63
N TRP C 231 21.85 -13.95 -22.18
CA TRP C 231 20.54 -14.49 -21.82
C TRP C 231 19.81 -15.08 -23.02
N ALA C 232 20.05 -14.57 -24.23
CA ALA C 232 19.29 -15.05 -25.39
C ALA C 232 19.85 -16.32 -26.00
N TRP C 233 21.02 -16.75 -25.56
CA TRP C 233 21.60 -17.90 -26.18
C TRP C 233 20.58 -19.01 -26.23
N SER C 234 19.86 -19.14 -25.15
CA SER C 234 18.86 -20.19 -25.03
C SER C 234 17.73 -20.20 -26.09
N ASN C 235 17.25 -19.02 -26.47
CA ASN C 235 16.26 -18.81 -27.49
C ASN C 235 16.79 -19.19 -28.87
N ILE C 236 17.99 -18.75 -29.16
CA ILE C 236 18.69 -19.09 -30.38
C ILE C 236 19.10 -20.54 -30.32
N ASP C 237 19.42 -21.07 -29.14
CA ASP C 237 19.78 -22.45 -29.05
C ASP C 237 18.59 -23.26 -29.45
N THR C 238 17.41 -22.89 -28.95
CA THR C 238 16.20 -23.57 -29.30
C THR C 238 15.81 -23.45 -30.80
N SER C 239 16.22 -22.37 -31.44
CA SER C 239 16.04 -22.09 -32.85
C SER C 239 16.90 -22.98 -33.74
N ALA C 240 16.57 -22.96 -35.00
CA ALA C 240 17.30 -23.76 -35.95
C ALA C 240 18.76 -23.34 -36.06
N VAL C 241 18.92 -22.03 -36.08
CA VAL C 241 20.18 -21.37 -36.26
C VAL C 241 21.41 -21.92 -35.55
N ASN C 242 22.46 -22.09 -36.34
CA ASN C 242 23.74 -22.41 -35.75
C ASN C 242 24.48 -21.10 -35.74
N TYR C 243 24.86 -20.75 -34.54
CA TYR C 243 25.41 -19.47 -34.31
C TYR C 243 26.67 -19.56 -33.57
N GLY C 244 27.34 -18.44 -33.59
CA GLY C 244 28.57 -18.23 -32.88
C GLY C 244 28.47 -16.87 -32.22
N VAL C 245 29.37 -16.64 -31.27
CA VAL C 245 29.39 -15.37 -30.57
C VAL C 245 30.84 -14.95 -30.48
N THR C 246 31.13 -13.74 -30.93
CA THR C 246 32.51 -13.30 -31.10
C THR C 246 32.57 -11.81 -30.80
N VAL C 247 33.75 -11.24 -31.00
CA VAL C 247 33.95 -9.82 -30.77
C VAL C 247 32.99 -9.02 -31.63
N LEU C 248 32.44 -7.96 -31.05
CA LEU C 248 31.63 -7.03 -31.81
C LEU C 248 32.46 -6.42 -32.94
N PRO C 249 31.83 -6.03 -34.04
CA PRO C 249 32.60 -5.46 -35.16
C PRO C 249 33.26 -4.15 -34.75
N THR C 250 34.40 -3.86 -35.37
CA THR C 250 35.06 -2.58 -35.14
C THR C 250 34.38 -1.49 -35.96
N PHE C 251 34.50 -0.26 -35.47
CA PHE C 251 34.00 0.91 -36.18
C PHE C 251 35.16 1.88 -36.32
N LYS C 252 35.60 2.09 -37.56
CA LYS C 252 36.76 2.93 -37.87
C LYS C 252 38.00 2.41 -37.17
N GLY C 253 38.25 1.12 -37.33
CA GLY C 253 39.41 0.47 -36.75
C GLY C 253 39.40 0.31 -35.25
N GLN C 254 38.45 0.96 -34.54
CA GLN C 254 38.41 0.95 -33.10
C GLN C 254 37.34 -0.01 -32.60
N PRO C 255 37.53 -0.64 -31.44
CA PRO C 255 36.60 -1.67 -30.99
C PRO C 255 35.26 -1.10 -30.57
N SER C 256 34.22 -1.89 -30.77
CA SER C 256 32.93 -1.55 -30.19
C SER C 256 33.00 -1.77 -28.68
N LYS C 257 32.51 -0.78 -27.94
CA LYS C 257 32.67 -0.75 -26.48
C LYS C 257 31.31 -0.90 -25.82
N PRO C 258 30.87 -2.12 -25.51
CA PRO C 258 29.58 -2.28 -24.83
C PRO C 258 29.67 -1.81 -23.39
N PHE C 259 28.55 -1.27 -22.92
CA PHE C 259 28.40 -0.96 -21.50
C PHE C 259 28.17 -2.26 -20.75
N VAL C 260 29.08 -2.58 -19.83
CA VAL C 260 29.04 -3.85 -19.11
C VAL C 260 28.19 -3.69 -17.85
N GLY C 261 27.21 -4.56 -17.69
CA GLY C 261 26.31 -4.53 -16.55
C GLY C 261 26.48 -5.77 -15.70
N VAL C 262 26.37 -5.58 -14.38
CA VAL C 262 26.43 -6.67 -13.41
C VAL C 262 25.02 -6.88 -12.88
N LEU C 263 24.42 -8.01 -13.23
CA LEU C 263 23.11 -8.35 -12.68
C LEU C 263 23.22 -8.45 -11.16
N SER C 264 22.44 -7.63 -10.47
CA SER C 264 22.54 -7.51 -9.02
C SER C 264 21.19 -7.77 -8.37
N ALA C 265 21.23 -8.09 -7.09
CA ALA C 265 20.03 -8.35 -6.30
C ALA C 265 20.03 -7.39 -5.10
N GLY C 266 19.09 -6.46 -5.09
CA GLY C 266 18.91 -5.57 -3.97
C GLY C 266 17.79 -6.03 -3.06
N ILE C 267 17.80 -5.53 -1.82
CA ILE C 267 16.79 -5.84 -0.82
C ILE C 267 16.01 -4.55 -0.55
N ASN C 268 14.69 -4.63 -0.74
CA ASN C 268 13.83 -3.48 -0.50
C ASN C 268 13.95 -3.00 0.94
N ALA C 269 14.13 -1.69 1.11
CA ALA C 269 14.24 -1.12 2.45
C ALA C 269 12.95 -1.24 3.24
N ALA C 270 11.82 -1.46 2.56
CA ALA C 270 10.53 -1.63 3.19
C ALA C 270 10.20 -3.09 3.46
N SER C 271 11.11 -4.02 3.15
CA SER C 271 10.84 -5.42 3.36
C SER C 271 10.89 -5.75 4.85
N PRO C 272 9.90 -6.47 5.38
CA PRO C 272 10.03 -7.07 6.71
C PRO C 272 10.69 -8.43 6.72
N ASN C 273 11.31 -8.84 5.62
CA ASN C 273 11.99 -10.13 5.49
C ASN C 273 13.45 -9.95 5.12
N LYS C 274 14.08 -8.89 5.64
CA LYS C 274 15.46 -8.59 5.27
C LYS C 274 16.39 -9.73 5.67
N GLU C 275 16.16 -10.34 6.83
CA GLU C 275 17.00 -11.46 7.24
C GLU C 275 16.81 -12.67 6.33
N LEU C 276 15.56 -13.01 5.99
CA LEU C 276 15.32 -14.12 5.08
C LEU C 276 15.85 -13.81 3.69
N ALA C 277 15.76 -12.55 3.26
CA ALA C 277 16.28 -12.18 1.95
C ALA C 277 17.80 -12.34 1.90
N LYS C 278 18.49 -11.95 2.97
CA LYS C 278 19.93 -12.14 3.06
C LYS C 278 20.28 -13.63 2.97
N GLU C 279 19.60 -14.46 3.78
CA GLU C 279 19.90 -15.88 3.80
C GLU C 279 19.72 -16.51 2.43
N PHE C 280 18.58 -16.26 1.79
CA PHE C 280 18.30 -16.84 0.48
C PHE C 280 19.35 -16.44 -0.54
N LEU C 281 19.72 -15.16 -0.57
CA LEU C 281 20.70 -14.69 -1.53
C LEU C 281 22.08 -15.27 -1.25
N GLU C 282 22.51 -15.23 0.01
CA GLU C 282 23.87 -15.67 0.34
C GLU C 282 24.00 -17.18 0.36
N ASN C 283 23.01 -17.89 0.89
CA ASN C 283 23.13 -19.32 1.18
C ASN C 283 22.41 -20.20 0.18
N TYR C 284 21.68 -19.63 -0.78
CA TYR C 284 20.93 -20.46 -1.71
C TYR C 284 21.17 -20.05 -3.15
N LEU C 285 21.04 -18.76 -3.46
CA LEU C 285 21.27 -18.31 -4.83
C LEU C 285 22.76 -18.25 -5.16
N LEU C 286 23.52 -17.49 -4.38
CA LEU C 286 24.95 -17.31 -4.63
C LEU C 286 25.75 -18.52 -4.14
N THR C 287 25.42 -19.68 -4.73
CA THR C 287 26.12 -20.93 -4.45
C THR C 287 26.43 -21.64 -5.77
N ASP C 288 27.11 -22.78 -5.65
CA ASP C 288 27.42 -23.58 -6.83
C ASP C 288 26.15 -24.12 -7.48
N GLU C 289 25.17 -24.49 -6.67
CA GLU C 289 23.80 -24.66 -7.15
C GLU C 289 23.05 -23.36 -6.98
N GLY C 290 22.03 -23.16 -7.78
CA GLY C 290 21.27 -21.95 -7.64
C GLY C 290 21.64 -20.96 -8.70
N LEU C 291 22.93 -20.66 -8.82
CA LEU C 291 23.41 -19.98 -10.02
C LEU C 291 23.29 -20.88 -11.23
N GLU C 292 23.74 -22.14 -11.09
CA GLU C 292 23.53 -23.15 -12.12
C GLU C 292 22.06 -23.27 -12.50
N ALA C 293 21.19 -23.46 -11.51
CA ALA C 293 19.76 -23.65 -11.80
C ALA C 293 19.19 -22.46 -12.58
N VAL C 294 19.61 -21.24 -12.24
CA VAL C 294 19.16 -20.05 -12.99
C VAL C 294 19.79 -20.03 -14.37
N ASN C 295 21.08 -20.39 -14.47
CA ASN C 295 21.80 -20.33 -15.74
C ASN C 295 21.12 -21.18 -16.81
N LYS C 296 20.61 -22.36 -16.43
CA LYS C 296 20.00 -23.27 -17.41
C LYS C 296 18.80 -22.64 -18.10
N ASP C 297 17.93 -21.97 -17.33
CA ASP C 297 16.79 -21.33 -17.95
C ASP C 297 17.24 -20.26 -18.92
N LYS C 298 18.02 -19.30 -18.43
CA LYS C 298 18.63 -18.31 -19.28
C LYS C 298 20.06 -18.09 -18.77
N PRO C 299 21.05 -18.12 -19.66
CA PRO C 299 22.44 -17.99 -19.20
C PRO C 299 22.66 -16.67 -18.48
N LEU C 300 23.49 -16.72 -17.43
CA LEU C 300 23.76 -15.55 -16.62
C LEU C 300 24.89 -14.69 -17.18
N GLY C 301 25.84 -15.30 -17.87
CA GLY C 301 27.07 -14.62 -18.24
C GLY C 301 28.21 -15.02 -17.32
N ALA C 302 29.09 -14.08 -16.99
CA ALA C 302 30.20 -14.34 -16.08
C ALA C 302 29.73 -14.11 -14.65
N VAL C 303 29.43 -15.19 -13.94
CA VAL C 303 28.86 -15.05 -12.61
C VAL C 303 29.91 -14.51 -11.65
N ALA C 304 29.42 -13.85 -10.59
CA ALA C 304 30.31 -13.25 -9.60
C ALA C 304 30.96 -14.29 -8.70
N LEU C 305 30.34 -15.47 -8.55
CA LEU C 305 30.90 -16.50 -7.69
C LEU C 305 32.09 -17.16 -8.38
N LYS C 306 33.25 -17.02 -7.80
CA LYS C 306 34.45 -17.55 -8.37
C LYS C 306 34.44 -19.04 -8.56
N SER C 307 33.80 -19.71 -7.64
CA SER C 307 33.73 -21.13 -7.66
C SER C 307 33.04 -21.65 -8.90
N TYR C 308 31.96 -21.04 -9.27
CA TYR C 308 31.22 -21.53 -10.37
C TYR C 308 31.67 -20.92 -11.66
N GLU C 309 32.31 -19.79 -11.58
CA GLU C 309 32.77 -19.11 -12.79
C GLU C 309 33.95 -19.82 -13.43
N GLU C 310 34.72 -20.60 -12.66
CA GLU C 310 35.76 -21.42 -13.27
C GLU C 310 35.18 -22.42 -14.25
N GLU C 311 33.94 -22.86 -14.00
CA GLU C 311 33.28 -23.77 -14.94
C GLU C 311 32.79 -23.01 -16.17
N LEU C 312 32.04 -21.92 -15.96
CA LEU C 312 31.46 -21.20 -17.10
C LEU C 312 32.53 -20.54 -17.95
N ALA C 313 33.70 -20.23 -17.37
CA ALA C 313 34.78 -19.63 -18.14
C ALA C 313 35.32 -20.56 -19.22
N LYS C 314 34.97 -21.84 -19.18
CA LYS C 314 35.41 -22.77 -20.22
C LYS C 314 34.55 -22.67 -21.46
N ASP C 315 33.30 -22.25 -21.33
CA ASP C 315 32.42 -22.03 -22.47
C ASP C 315 33.02 -20.97 -23.37
N PRO C 316 33.37 -21.30 -24.63
CA PRO C 316 33.90 -20.26 -25.53
C PRO C 316 32.94 -19.11 -25.73
N ARG C 317 31.64 -19.33 -25.52
CA ARG C 317 30.69 -18.24 -25.59
C ARG C 317 30.95 -17.24 -24.46
N ILE C 318 31.25 -17.73 -23.27
CA ILE C 318 31.55 -16.84 -22.15
C ILE C 318 32.86 -16.09 -22.39
N ALA C 319 33.86 -16.78 -22.96
CA ALA C 319 35.13 -16.13 -23.25
C ALA C 319 34.94 -14.94 -24.18
N ALA C 320 34.17 -15.12 -25.25
CA ALA C 320 33.88 -14.01 -26.15
C ALA C 320 33.13 -12.90 -25.43
N THR C 321 32.17 -13.27 -24.57
CA THR C 321 31.47 -12.27 -23.77
C THR C 321 32.44 -11.48 -22.90
N MET C 322 33.43 -12.16 -22.30
CA MET C 322 34.42 -11.45 -21.51
C MET C 322 35.41 -10.71 -22.39
N GLU C 323 35.63 -11.18 -23.62
CA GLU C 323 36.42 -10.41 -24.58
C GLU C 323 35.77 -9.05 -24.84
N ASN C 324 34.48 -9.06 -25.19
CA ASN C 324 33.77 -7.80 -25.42
C ASN C 324 33.68 -6.97 -24.14
N ALA C 325 33.47 -7.62 -23.00
CA ALA C 325 33.41 -6.90 -21.73
C ALA C 325 34.72 -6.16 -21.45
N GLN C 326 35.86 -6.78 -21.78
CA GLN C 326 37.14 -6.10 -21.60
C GLN C 326 37.24 -4.87 -22.48
N LYS C 327 36.76 -4.96 -23.72
CA LYS C 327 36.85 -3.82 -24.63
C LYS C 327 35.85 -2.72 -24.28
N GLY C 328 34.82 -3.04 -23.51
CA GLY C 328 33.86 -2.05 -23.07
C GLY C 328 34.25 -1.46 -21.72
N GLU C 329 33.24 -0.98 -21.00
CA GLU C 329 33.42 -0.34 -19.71
C GLU C 329 32.27 -0.72 -18.79
N ILE C 330 32.60 -0.89 -17.50
CA ILE C 330 31.55 -1.15 -16.52
C ILE C 330 30.64 0.07 -16.46
N MET C 331 29.35 -0.18 -16.29
CA MET C 331 28.39 0.91 -16.26
C MET C 331 28.50 1.67 -14.95
N PRO C 332 28.37 2.99 -14.97
CA PRO C 332 28.24 3.73 -13.71
C PRO C 332 26.93 3.36 -13.02
N ASN C 333 26.92 3.46 -11.70
CA ASN C 333 25.72 3.18 -10.93
C ASN C 333 25.08 4.43 -10.34
N ILE C 334 25.51 5.61 -10.76
CA ILE C 334 25.02 6.87 -10.21
C ILE C 334 23.55 7.05 -10.57
N PRO C 335 22.78 7.84 -9.81
CA PRO C 335 21.34 7.95 -10.09
C PRO C 335 21.04 8.52 -11.46
N GLN C 336 21.86 9.46 -11.94
CA GLN C 336 21.59 10.13 -13.21
C GLN C 336 21.82 9.23 -14.43
N MET C 337 22.22 7.97 -14.21
CA MET C 337 22.16 6.98 -15.28
C MET C 337 20.76 6.88 -15.87
N SER C 338 19.75 7.15 -15.04
CA SER C 338 18.37 7.12 -15.50
C SER C 338 18.14 8.13 -16.62
N ALA C 339 18.53 9.38 -16.40
CA ALA C 339 18.35 10.40 -17.41
C ALA C 339 19.26 10.17 -18.62
N PHE C 340 20.39 9.49 -18.42
CA PHE C 340 21.27 9.20 -19.55
C PHE C 340 20.60 8.25 -20.54
N TRP C 341 20.11 7.17 -20.03
CA TRP C 341 19.50 6.27 -20.91
C TRP C 341 18.25 6.90 -21.49
N TYR C 342 17.57 7.74 -20.73
CA TYR C 342 16.38 8.38 -21.25
C TYR C 342 16.68 9.35 -22.34
N ALA C 343 17.75 10.11 -22.19
CA ALA C 343 18.09 11.08 -23.16
C ALA C 343 18.62 10.41 -24.35
N VAL C 344 19.37 9.36 -24.13
CA VAL C 344 19.94 8.63 -25.23
C VAL C 344 18.92 8.00 -26.05
N ARG C 345 17.89 7.45 -25.45
CA ARG C 345 16.86 6.82 -26.23
C ARG C 345 16.12 7.82 -27.13
N THR C 346 15.87 9.01 -26.61
CA THR C 346 15.18 10.05 -27.35
C THR C 346 15.99 10.47 -28.53
N ALA C 347 17.25 10.80 -28.32
CA ALA C 347 18.04 11.16 -29.45
C ALA C 347 18.23 10.03 -30.40
N VAL C 348 18.36 8.78 -29.96
CA VAL C 348 18.53 7.74 -30.94
C VAL C 348 17.34 7.64 -31.83
N ILE C 349 16.15 7.69 -31.28
CA ILE C 349 14.93 7.62 -32.09
C ILE C 349 14.64 8.77 -33.04
N ASN C 350 14.86 9.99 -32.59
CA ASN C 350 14.61 11.17 -33.40
C ASN C 350 15.47 11.30 -34.64
N ALA C 351 16.75 11.01 -34.51
CA ALA C 351 17.59 10.97 -35.67
C ALA C 351 17.24 9.75 -36.50
N ALA C 352 17.01 8.61 -35.88
CA ALA C 352 16.72 7.43 -36.64
C ALA C 352 15.45 7.57 -37.44
N SER C 353 14.43 8.17 -36.84
CA SER C 353 13.14 8.33 -37.51
C SER C 353 13.03 9.52 -38.43
N GLY C 354 14.07 10.33 -38.44
CA GLY C 354 14.12 11.51 -39.26
C GLY C 354 13.58 12.73 -38.60
N ARG C 355 13.09 12.57 -37.38
CA ARG C 355 12.52 13.65 -36.64
C ARG C 355 13.50 14.78 -36.51
N GLN C 356 14.77 14.43 -36.34
CA GLN C 356 15.80 15.45 -36.18
C GLN C 356 17.07 14.98 -36.88
N THR C 357 17.93 15.93 -37.18
CA THR C 357 19.26 15.58 -37.66
C THR C 357 20.09 15.05 -36.51
N VAL C 358 21.13 14.27 -36.87
CA VAL C 358 22.01 13.70 -35.85
C VAL C 358 22.72 14.81 -35.08
N ASP C 359 23.20 15.84 -35.78
CA ASP C 359 23.89 16.93 -35.13
C ASP C 359 22.99 17.65 -34.13
N ALA C 360 21.70 17.77 -34.45
CA ALA C 360 20.79 18.51 -33.57
C ALA C 360 20.24 17.61 -32.47
N ALA C 361 19.95 16.35 -32.79
CA ALA C 361 19.35 15.45 -31.80
C ALA C 361 20.27 15.25 -30.60
N LEU C 362 21.55 14.96 -30.86
CA LEU C 362 22.47 14.65 -29.76
C LEU C 362 22.77 15.88 -28.93
N ALA C 363 22.70 17.07 -29.53
CA ALA C 363 22.85 18.30 -28.77
C ALA C 363 21.80 18.41 -27.67
N ALA C 364 20.57 17.99 -27.96
CA ALA C 364 19.52 17.98 -26.94
C ALA C 364 19.79 16.90 -25.88
N ALA C 365 20.17 15.70 -26.32
CA ALA C 365 20.51 14.65 -25.37
C ALA C 365 21.72 15.05 -24.52
N GLN C 366 22.69 15.72 -25.14
CA GLN C 366 23.83 16.24 -24.38
C GLN C 366 23.37 17.19 -23.27
N THR C 367 22.31 17.97 -23.55
CA THR C 367 21.74 18.84 -22.53
C THR C 367 20.77 18.08 -21.64
N ASN C 368 19.94 17.21 -22.24
CA ASN C 368 18.93 16.48 -21.46
C ASN C 368 19.58 15.51 -20.48
N ALA C 369 20.61 14.78 -20.91
CA ALA C 369 21.23 13.77 -20.06
C ALA C 369 21.78 14.34 -18.76
N ALA C 370 21.97 15.66 -18.69
CA ALA C 370 22.44 16.33 -17.48
C ALA C 370 21.32 17.07 -16.76
N ARG C 371 20.07 16.92 -17.18
CA ARG C 371 18.97 17.68 -16.58
C ARG C 371 18.53 17.03 -15.27
N ARG C 372 18.56 17.81 -14.19
CA ARG C 372 18.07 17.36 -12.91
C ARG C 372 16.60 17.00 -13.03
N LYS C 373 16.23 15.80 -12.62
CA LYS C 373 14.85 15.36 -12.77
C LYS C 373 13.95 16.11 -11.80
N PRO C 374 12.86 16.72 -12.27
CA PRO C 374 11.97 17.42 -11.34
C PRO C 374 11.14 16.44 -10.55
N SER C 375 10.86 16.76 -9.30
CA SER C 375 10.08 15.86 -8.48
C SER C 375 8.62 15.99 -8.77
N TRP C 376 7.85 15.05 -8.31
CA TRP C 376 6.42 15.17 -8.48
C TRP C 376 5.92 16.36 -7.74
N ARG C 377 6.40 16.54 -6.52
CA ARG C 377 6.02 17.65 -5.72
C ARG C 377 6.37 18.92 -6.47
N GLU C 378 7.49 18.94 -7.20
CA GLU C 378 7.77 20.22 -7.89
C GLU C 378 6.95 20.36 -9.14
N ARG C 379 6.73 19.25 -9.79
CA ARG C 379 5.88 19.21 -10.95
C ARG C 379 4.48 19.76 -10.63
N GLU C 380 4.02 19.44 -9.42
CA GLU C 380 2.75 19.86 -8.89
C GLU C 380 2.66 21.32 -8.60
N ASN C 381 3.64 21.89 -7.91
CA ASN C 381 3.55 23.30 -7.60
C ASN C 381 3.51 24.16 -8.88
N ASN C 382 4.32 23.82 -9.86
CA ASN C 382 4.34 24.58 -11.07
C ASN C 382 3.03 24.39 -11.78
N ARG C 383 2.50 23.19 -11.72
CA ARG C 383 1.21 22.89 -12.31
C ARG C 383 0.15 23.89 -11.84
N ARG C 384 0.04 24.07 -10.53
CA ARG C 384 -0.93 25.02 -9.98
C ARG C 384 -0.51 26.47 -10.20
N ARG C 385 0.80 26.75 -10.21
CA ARG C 385 1.27 28.10 -10.46
C ARG C 385 0.72 28.63 -11.78
N GLU C 386 0.61 27.76 -12.78
CA GLU C 386 0.00 28.16 -14.05
C GLU C 386 -1.52 28.27 -13.93
N ARG C 387 -2.15 27.35 -13.20
CA ARG C 387 -3.59 27.43 -12.97
C ARG C 387 -3.96 28.72 -12.26
N ARG C 388 -3.25 29.05 -11.18
CA ARG C 388 -3.56 30.26 -10.42
C ARG C 388 -3.36 31.51 -11.26
N ARG C 389 -2.20 31.62 -11.92
CA ARG C 389 -1.93 32.79 -12.76
C ARG C 389 -2.95 32.91 -13.88
N ARG C 390 -3.40 31.77 -14.42
CA ARG C 390 -4.44 31.81 -15.44
C ARG C 390 -5.77 32.28 -14.85
N ALA C 391 -6.11 31.81 -13.65
CA ALA C 391 -7.38 32.17 -13.04
C ALA C 391 -7.40 33.63 -12.62
N VAL C 392 -6.27 34.17 -12.15
CA VAL C 392 -6.20 35.57 -11.78
C VAL C 392 -6.45 36.45 -13.00
N ALA C 393 -5.78 36.13 -14.11
CA ALA C 393 -6.07 36.82 -15.36
C ALA C 393 -7.51 36.60 -15.80
N ALA C 394 -8.08 35.47 -15.43
CA ALA C 394 -9.44 35.15 -15.78
C ALA C 394 -10.45 36.01 -15.07
N LYS C 395 -10.25 36.17 -13.78
CA LYS C 395 -11.11 36.97 -12.95
C LYS C 395 -11.15 38.43 -13.36
N ILE C 396 -10.02 38.94 -13.80
CA ILE C 396 -9.95 40.30 -14.25
C ILE C 396 -10.98 40.46 -15.34
N TYR C 397 -10.93 39.60 -16.36
CA TYR C 397 -11.89 39.69 -17.46
C TYR C 397 -13.32 39.53 -16.95
N THR C 398 -13.55 38.57 -16.05
CA THR C 398 -14.85 38.46 -15.40
C THR C 398 -15.23 39.76 -14.71
N GLY C 399 -14.28 40.40 -14.02
CA GLY C 399 -14.54 41.72 -13.46
C GLY C 399 -15.00 42.70 -14.52
N LEU C 400 -14.31 42.75 -15.65
CA LEU C 400 -14.64 43.72 -16.68
C LEU C 400 -15.97 43.38 -17.34
N ARG C 401 -16.25 42.09 -17.54
CA ARG C 401 -17.46 41.69 -18.25
C ARG C 401 -18.72 42.08 -17.51
N ALA C 402 -18.89 41.56 -16.28
CA ALA C 402 -20.04 41.97 -15.49
C ALA C 402 -20.25 43.47 -15.57
N GLN C 403 -19.26 44.19 -15.09
CA GLN C 403 -19.35 45.63 -14.92
C GLN C 403 -18.81 46.56 -15.95
N GLY C 404 -18.23 46.03 -16.99
CA GLY C 404 -17.59 46.91 -17.92
C GLY C 404 -18.43 47.92 -18.60
N ASP C 405 -19.61 47.49 -19.02
CA ASP C 405 -20.56 48.25 -19.85
C ASP C 405 -19.82 48.53 -21.13
N TYR C 406 -19.38 47.48 -21.81
CA TYR C 406 -18.64 47.67 -23.03
C TYR C 406 -19.47 47.23 -24.23
N ASN C 407 -19.48 48.09 -25.24
CA ASN C 407 -20.23 47.84 -26.45
C ASN C 407 -20.17 46.46 -27.07
N LEU C 408 -19.29 45.60 -26.61
CA LEU C 408 -19.20 44.31 -27.22
C LEU C 408 -20.40 43.45 -27.01
N PRO C 409 -20.66 42.63 -28.02
CA PRO C 409 -21.70 41.63 -28.11
C PRO C 409 -21.36 40.62 -27.06
N LYS C 410 -22.35 40.06 -26.40
CA LYS C 410 -22.09 39.15 -25.29
C LYS C 410 -21.38 37.89 -25.76
N HIS C 411 -20.52 37.35 -24.89
CA HIS C 411 -19.63 36.22 -25.18
C HIS C 411 -18.53 36.55 -26.19
N CYS C 412 -18.21 37.83 -26.32
CA CYS C 412 -17.02 38.26 -27.07
C CYS C 412 -15.76 37.69 -26.45
N ASP C 413 -14.74 37.47 -27.28
CA ASP C 413 -13.54 36.82 -26.79
C ASP C 413 -12.78 37.74 -25.83
N ASN C 414 -11.94 37.13 -24.99
CA ASN C 414 -11.15 37.88 -24.01
C ASN C 414 -10.40 39.03 -24.67
N ASN C 415 -9.75 38.77 -25.81
CA ASN C 415 -8.89 39.78 -26.44
C ASN C 415 -9.67 41.02 -26.84
N GLU C 416 -10.93 40.88 -27.27
CA GLU C 416 -11.72 42.06 -27.60
C GLU C 416 -12.18 42.82 -26.36
N VAL C 417 -12.37 42.14 -25.23
CA VAL C 417 -12.55 42.83 -23.95
C VAL C 417 -11.32 43.64 -23.62
N LEU C 418 -10.14 43.02 -23.77
CA LEU C 418 -8.88 43.69 -23.45
C LEU C 418 -8.74 44.98 -24.24
N LYS C 419 -9.10 44.97 -25.52
CA LYS C 419 -9.15 46.21 -26.30
C LYS C 419 -10.01 47.26 -25.59
N ALA C 420 -11.23 46.89 -25.21
CA ALA C 420 -12.17 47.85 -24.63
C ALA C 420 -11.72 48.38 -23.29
N LEU C 421 -10.82 47.70 -22.60
CA LEU C 421 -10.15 48.30 -21.45
C LEU C 421 -8.98 49.17 -21.86
N CYS C 422 -8.24 48.77 -22.91
CA CYS C 422 -7.22 49.63 -23.50
C CYS C 422 -7.85 50.89 -24.09
N VAL C 423 -8.96 50.76 -24.80
CA VAL C 423 -9.60 51.92 -25.42
C VAL C 423 -10.13 52.88 -24.37
N GLU C 424 -10.64 52.35 -23.27
CA GLU C 424 -11.15 53.23 -22.23
C GLU C 424 -10.03 54.04 -21.61
N ALA C 425 -8.84 53.46 -21.56
CA ALA C 425 -7.67 54.04 -20.93
C ALA C 425 -6.96 55.06 -21.82
N GLY C 426 -7.58 55.49 -22.91
CA GLY C 426 -6.97 56.42 -23.83
C GLY C 426 -6.05 55.81 -24.87
N TRP C 427 -5.90 54.49 -24.86
CA TRP C 427 -5.13 53.79 -25.88
C TRP C 427 -6.01 53.50 -27.08
N VAL C 428 -5.39 52.93 -28.10
CA VAL C 428 -6.09 52.38 -29.25
C VAL C 428 -5.41 51.07 -29.56
N VAL C 429 -6.13 50.14 -30.16
CA VAL C 429 -5.55 48.87 -30.51
C VAL C 429 -5.86 48.57 -31.96
N GLU C 430 -4.89 48.04 -32.67
CA GLU C 430 -5.10 47.67 -34.03
C GLU C 430 -5.60 46.24 -34.09
N GLU C 431 -5.91 45.76 -35.28
CA GLU C 431 -6.37 44.41 -35.38
C GLU C 431 -5.28 43.44 -34.92
N ASP C 432 -4.03 43.74 -35.25
CA ASP C 432 -2.93 42.88 -34.85
C ASP C 432 -2.27 43.41 -33.60
N GLY C 433 -3.02 43.57 -32.52
CA GLY C 433 -2.42 44.12 -31.32
C GLY C 433 -2.06 45.52 -31.72
N THR C 434 -0.78 45.89 -31.62
CA THR C 434 -0.33 47.24 -32.02
C THR C 434 -1.07 48.36 -31.30
N THR C 435 -0.79 48.48 -30.03
CA THR C 435 -1.41 49.48 -29.19
C THR C 435 -0.47 50.66 -28.78
N TYR C 436 -0.96 51.90 -28.93
CA TYR C 436 -0.26 53.12 -28.54
C TYR C 436 -1.24 54.15 -28.07
N ARG C 437 -0.79 55.08 -27.25
CA ARG C 437 -1.69 56.09 -26.73
C ARG C 437 -2.22 57.03 -27.76
C1 GLC E . 18.97 -6.96 -20.46
C2 GLC E . 20.13 -6.48 -19.59
C3 GLC E . 19.91 -5.04 -19.15
C4 GLC E . 19.60 -4.15 -20.36
C5 GLC E . 18.44 -4.77 -21.14
C6 GLC E . 18.05 -4.02 -22.42
O1 GLC E . 17.78 -6.99 -19.68
O2 GLC E . 20.24 -7.31 -18.45
O3 GLC E . 21.06 -4.60 -18.46
O4 GLC E . 19.31 -2.84 -19.92
O5 GLC E . 18.80 -6.08 -21.53
O6 GLC E . 18.27 -2.64 -22.34
C1 GLC E . 20.38 -1.93 -19.82
C2 GLC E . 20.45 -1.35 -18.42
C3 GLC E . 19.20 -0.53 -18.13
C4 GLC E . 18.98 0.50 -19.24
C5 GLC E . 19.03 -0.16 -20.61
C6 GLC E . 18.94 0.89 -21.71
O2 GLC E . 20.57 -2.38 -17.47
O3 GLC E . 19.33 0.13 -16.89
O4 GLC E . 17.74 1.12 -19.07
O5 GLC E . 20.23 -0.89 -20.76
O6 GLC E . 18.60 0.27 -22.93
C1 GLC F . -19.08 6.85 20.77
C2 GLC F . -20.43 6.15 20.90
C3 GLC F . -20.31 4.64 20.83
C4 GLC F . -19.49 4.24 19.61
C5 GLC F . -18.16 4.97 19.64
C6 GLC F . -17.31 4.61 18.43
O1 GLC F . -18.31 6.64 21.94
O2 GLC F . -21.02 6.51 22.14
O3 GLC F . -21.59 4.06 20.76
O4 GLC F . -19.29 2.85 19.61
O5 GLC F . -18.38 6.37 19.65
O6 GLC F . -15.96 4.93 18.71
C1 GLC F . -20.08 2.05 18.77
C2 GLC F . -20.65 0.90 19.57
C3 GLC F . -19.51 0.06 20.13
C4 GLC F . -18.63 -0.41 18.98
C5 GLC F . -18.17 0.79 18.15
C6 GLC F . -17.37 0.31 16.94
O2 GLC F . -21.45 1.37 20.63
O3 GLC F . -20.02 -1.06 20.81
O4 GLC F . -17.52 -1.11 19.49
O5 GLC F . -19.29 1.53 17.72
O6 GLC F . -16.87 1.43 16.23
C1 EDO G . -32.63 -5.51 21.01
O1 EDO G . -31.77 -6.08 20.02
C2 EDO G . -32.30 -4.03 21.20
O2 EDO G . -32.47 -3.34 19.95
C1 EDO H . -8.99 1.40 37.11
O1 EDO H . -10.10 1.22 38.00
C2 EDO H . -9.47 2.03 35.81
O2 EDO H . -9.97 3.35 36.06
C1 EDO I . 30.36 3.07 -10.33
O1 EDO I . 29.40 4.10 -10.60
C2 EDO I . 29.97 1.81 -11.09
O2 EDO I . 31.04 0.86 -11.05
C1 EDO J . 12.25 -18.10 -30.77
O1 EDO J . 11.34 -17.08 -30.35
C2 EDO J . 12.56 -19.02 -29.60
O2 EDO J . 13.54 -19.95 -30.07
#